data_4MIC
#
_entry.id   4MIC
#
_cell.length_a   128.740
_cell.length_b   128.740
_cell.length_c   116.710
_cell.angle_alpha   90.00
_cell.angle_beta   90.00
_cell.angle_gamma   90.00
#
_symmetry.space_group_name_H-M   'P 43 21 2'
#
loop_
_entity.id
_entity.type
_entity.pdbx_description
1 polymer 'Glycogen phosphorylase, muscle form'
2 non-polymer N-{(2E)-3-[4-(propan-2-yl)phenyl]prop-2-enoyl}-beta-D-glucopyranosylamine
3 water water
#
_entity_poly.entity_id   1
_entity_poly.type   'polypeptide(L)'
_entity_poly.pdbx_seq_one_letter_code
;QISVRGLAGVENVTELKKNFNRHLHFTLVKDRNVATPRDYYFALAHTVRDHLVGRWIRTQQHYYEKDPKRIYYLSLEFYM
GRTLQNTMVNLALENACDEATYQLGLDMEELEEIEEDAGLGNGGLGRLAACFLDSMATLGLAAYGYGIRYEFGIFNQKIC
GGWQMEEADDWLRYGNPWEKARPEFTLPVHFYGRVEHTSQGAKWVDTQVVLAMPYDTPVPGYRNNVVNTMRLWSAKAPND
FNLKDFNVGGYIQAVLDRNLAENISRVLYPNDNFFEGKELRLKQEYFVVAATLQDIIRRFKSSKFGCRDPVRTNFDAFPD
KVAIQLNDTHPSLAIPELMRVLVDLERLDWDKAWEVTVKTCAYTNHTVLPEALERWPVHLLETLLPRHLQIIYEINQRFL
NRVAAAFPGDVDRLRRMSLVEEGAVKRINMAHLCIAGSHAVNGVARIHSEILKKTIFKDFYELEPHKFQNKTNGITPRRW
LVLCNPGLAEIIAERIGEEYISDLDQLRKLLSYVDDEAFIRDVAKVKQENKLKFAAYLEREYKVHINPNSLFDVQVKRIH
EYKRQLLNCLHVITLYNRIKKEPNKFVVPRTVMIGGKAAPGYHMAKMIIKLITAIGDVVNHDPVVGDRLRVIFLENYRVS
LAEKVIPAADLSEQISTAGTEASGTGNM(LLP)FMLNGALTIGTMDGANVEMAEEAGEENFFIFGMRVEDVDRLDQRGYN
AQEYYDRIPELRQIIEQLSSGFFSPKQPDLFKDIVNMLMHHDRFKVFADYEEYVKCQERVSALYKNPREWTRMVIRNIAT
SGKFSSDRTIAQYAREIWGVEPSRQRLPA
;
_entity_poly.pdbx_strand_id   A
#
loop_
_chem_comp.id
_chem_comp.type
_chem_comp.name
_chem_comp.formula
26Y saccharide N-{(2E)-3-[4-(propan-2-yl)phenyl]prop-2-enoyl}-beta-D-glucopyranosylamine 'C18 H25 N O6'
#
# COMPACT_ATOMS: atom_id res chain seq x y z
N GLN A 1 21.39 -18.77 14.59
CA GLN A 1 21.65 -19.62 13.38
C GLN A 1 22.31 -18.80 12.26
N ILE A 2 21.63 -17.75 11.78
CA ILE A 2 22.19 -16.86 10.75
C ILE A 2 22.58 -15.50 11.36
N SER A 3 23.60 -14.86 10.80
CA SER A 3 24.26 -13.71 11.44
C SER A 3 23.51 -12.37 11.38
N VAL A 4 22.65 -12.19 10.37
CA VAL A 4 21.88 -10.94 10.24
C VAL A 4 20.78 -10.80 11.30
N ARG A 5 20.41 -11.90 11.94
CA ARG A 5 19.39 -11.90 13.00
C ARG A 5 19.90 -11.42 14.38
N GLY A 6 21.19 -11.09 14.47
CA GLY A 6 21.77 -10.50 15.69
C GLY A 6 22.43 -11.51 16.62
N LEU A 7 22.96 -11.02 17.74
CA LEU A 7 23.60 -11.87 18.77
C LEU A 7 22.58 -12.54 19.71
N ALA A 8 22.91 -13.75 20.17
CA ALA A 8 22.13 -14.44 21.19
C ALA A 8 23.02 -14.67 22.42
N GLY A 9 23.32 -13.58 23.14
CA GLY A 9 24.15 -13.64 24.34
C GLY A 9 23.48 -14.37 25.49
N VAL A 10 24.29 -14.96 26.36
CA VAL A 10 23.80 -15.74 27.51
C VAL A 10 22.96 -14.85 28.43
N GLU A 11 23.42 -13.63 28.64
CA GLU A 11 22.74 -12.65 29.49
C GLU A 11 21.35 -12.32 28.95
N ASN A 12 21.28 -11.99 27.66
CA ASN A 12 20.01 -11.65 27.01
C ASN A 12 19.01 -12.80 26.96
N VAL A 13 19.47 -13.99 26.63
CA VAL A 13 18.59 -15.16 26.54
C VAL A 13 17.98 -15.45 27.92
N THR A 14 18.82 -15.37 28.95
CA THR A 14 18.39 -15.55 30.33
C THR A 14 17.32 -14.52 30.71
N GLU A 15 17.56 -13.26 30.36
CA GLU A 15 16.63 -12.17 30.69
C GLU A 15 15.29 -12.30 29.96
N LEU A 16 15.33 -12.64 28.67
CA LEU A 16 14.10 -12.82 27.90
C LEU A 16 13.25 -13.95 28.47
N LYS A 17 13.90 -15.00 28.97
CA LYS A 17 13.21 -16.17 29.51
C LYS A 17 12.41 -15.87 30.79
N LYS A 18 13.00 -15.15 31.74
CA LYS A 18 12.28 -14.79 32.97
C LYS A 18 11.20 -13.73 32.74
N ASN A 19 11.42 -12.81 31.81
CA ASN A 19 10.41 -11.82 31.45
C ASN A 19 9.25 -12.47 30.71
N PHE A 20 9.55 -13.48 29.89
CA PHE A 20 8.52 -14.29 29.25
C PHE A 20 7.63 -14.95 30.30
N ASN A 21 8.24 -15.68 31.22
CA ASN A 21 7.51 -16.39 32.26
C ASN A 21 6.77 -15.46 33.24
N ARG A 22 7.34 -14.28 33.46
CA ARG A 22 6.68 -13.26 34.26
C ARG A 22 5.36 -12.82 33.60
N HIS A 23 5.40 -12.47 32.31
CA HIS A 23 4.20 -12.02 31.60
C HIS A 23 3.14 -13.12 31.49
N LEU A 24 3.56 -14.36 31.25
CA LEU A 24 2.64 -15.49 31.21
C LEU A 24 1.86 -15.60 32.53
N HIS A 25 2.55 -15.32 33.64
CA HIS A 25 2.00 -15.46 34.97
C HIS A 25 1.20 -14.23 35.39
N PHE A 26 1.83 -13.07 35.39
CA PHE A 26 1.21 -11.85 35.89
C PHE A 26 0.25 -11.20 34.87
N THR A 27 0.68 -11.12 33.62
CA THR A 27 -0.08 -10.40 32.59
C THR A 27 -1.18 -11.23 31.97
N LEU A 28 -0.91 -12.50 31.70
CA LEU A 28 -1.90 -13.38 31.08
C LEU A 28 -2.71 -14.17 32.12
N VAL A 29 -2.16 -14.32 33.33
CA VAL A 29 -2.82 -15.06 34.42
C VAL A 29 -3.01 -16.53 34.02
N LYS A 30 -1.91 -17.15 33.63
CA LYS A 30 -1.86 -18.55 33.23
C LYS A 30 -0.67 -19.24 33.89
N ASP A 31 -0.67 -20.57 33.83
CA ASP A 31 0.54 -21.37 34.08
C ASP A 31 0.78 -22.26 32.86
N ARG A 32 1.94 -22.93 32.82
CA ARG A 32 2.35 -23.71 31.65
C ARG A 32 1.36 -24.81 31.26
N ASN A 33 0.63 -25.35 32.23
CA ASN A 33 -0.26 -26.49 31.98
C ASN A 33 -1.57 -26.13 31.27
N VAL A 34 -1.99 -24.87 31.33
CA VAL A 34 -3.22 -24.43 30.65
C VAL A 34 -2.97 -23.46 29.49
N ALA A 35 -1.75 -22.97 29.34
CA ALA A 35 -1.43 -22.01 28.30
C ALA A 35 -1.54 -22.61 26.90
N THR A 36 -2.21 -21.89 26.00
CA THR A 36 -2.30 -22.25 24.58
C THR A 36 -1.17 -21.54 23.82
N PRO A 37 -0.97 -21.91 22.54
CA PRO A 37 0.02 -21.17 21.73
C PRO A 37 -0.27 -19.67 21.63
N ARG A 38 -1.54 -19.28 21.68
CA ARG A 38 -1.91 -17.88 21.66
C ARG A 38 -1.38 -17.16 22.90
N ASP A 39 -1.52 -17.79 24.06
CA ASP A 39 -0.96 -17.25 25.31
C ASP A 39 0.56 -17.08 25.18
N TYR A 40 1.22 -18.05 24.57
CA TYR A 40 2.66 -17.97 24.39
C TYR A 40 3.06 -16.83 23.47
N TYR A 41 2.32 -16.64 22.38
CA TYR A 41 2.55 -15.50 21.51
C TYR A 41 2.43 -14.18 22.29
N PHE A 42 1.36 -14.02 23.06
CA PHE A 42 1.14 -12.78 23.81
C PHE A 42 2.25 -12.49 24.82
N ALA A 43 2.75 -13.53 25.48
CA ALA A 43 3.85 -13.36 26.43
C ALA A 43 5.11 -12.89 25.71
N LEU A 44 5.42 -13.52 24.58
CA LEU A 44 6.54 -13.08 23.75
C LEU A 44 6.32 -11.65 23.27
N ALA A 45 5.11 -11.35 22.79
CA ALA A 45 4.79 -10.00 22.34
C ALA A 45 5.01 -8.95 23.43
N HIS A 46 4.51 -9.21 24.63
CA HIS A 46 4.70 -8.28 25.76
C HIS A 46 6.17 -8.15 26.19
N THR A 47 6.93 -9.23 26.08
CA THR A 47 8.36 -9.23 26.39
C THR A 47 9.13 -8.33 25.42
N VAL A 48 8.87 -8.49 24.12
CA VAL A 48 9.55 -7.70 23.09
C VAL A 48 9.17 -6.22 23.21
N ARG A 49 7.92 -5.96 23.56
CA ARG A 49 7.40 -4.61 23.73
C ARG A 49 8.04 -3.86 24.90
N ASP A 50 8.46 -4.58 25.93
CA ASP A 50 9.18 -3.96 27.06
C ASP A 50 10.50 -3.31 26.61
N HIS A 51 11.17 -3.90 25.61
CA HIS A 51 12.41 -3.33 25.09
C HIS A 51 12.19 -2.04 24.28
N LEU A 52 10.97 -1.83 23.76
CA LEU A 52 10.64 -0.62 23.01
C LEU A 52 10.40 0.61 23.87
N VAL A 53 9.79 0.45 25.05
CA VAL A 53 9.21 1.59 25.76
C VAL A 53 10.25 2.60 26.23
N GLY A 54 11.37 2.10 26.77
CA GLY A 54 12.45 2.98 27.18
C GLY A 54 12.88 3.86 26.03
N ARG A 55 13.08 3.23 24.87
CA ARG A 55 13.47 3.93 23.65
C ARG A 55 12.37 4.90 23.18
N TRP A 56 11.12 4.44 23.25
CA TRP A 56 9.97 5.26 22.89
C TRP A 56 9.93 6.54 23.74
N ILE A 57 10.09 6.40 25.05
CA ILE A 57 10.02 7.53 25.98
C ILE A 57 11.17 8.53 25.78
N ARG A 58 12.39 8.07 25.54
CA ARG A 58 13.51 8.99 25.37
C ARG A 58 13.58 9.58 23.95
N THR A 59 13.01 8.88 22.97
CA THR A 59 12.87 9.44 21.63
C THR A 59 11.95 10.67 21.66
N GLN A 60 10.78 10.54 22.29
CA GLN A 60 9.85 11.69 22.41
C GLN A 60 10.44 12.79 23.28
N GLN A 61 11.14 12.41 24.35
CA GLN A 61 11.88 13.37 25.18
C GLN A 61 12.88 14.15 24.31
N HIS A 62 13.70 13.42 23.57
CA HIS A 62 14.67 14.02 22.64
C HIS A 62 14.06 15.08 21.72
N TYR A 63 12.89 14.78 21.14
CA TYR A 63 12.25 15.73 20.22
C TYR A 63 11.74 16.98 20.95
N TYR A 64 11.43 16.85 22.24
CA TYR A 64 11.01 18.01 23.03
C TYR A 64 12.19 18.94 23.30
N GLU A 65 13.34 18.37 23.67
CA GLU A 65 14.53 19.18 23.99
C GLU A 65 14.95 19.96 22.74
N LYS A 66 15.24 19.22 21.68
CA LYS A 66 15.86 19.77 20.48
C LYS A 66 14.89 20.53 19.58
N ASP A 67 13.60 20.20 19.68
CA ASP A 67 12.55 20.89 18.93
C ASP A 67 12.81 20.98 17.42
N PRO A 68 13.01 19.82 16.76
CA PRO A 68 13.22 19.82 15.31
C PRO A 68 11.88 20.02 14.58
N LYS A 69 11.94 20.27 13.28
CA LYS A 69 10.74 20.33 12.46
C LYS A 69 10.05 18.97 12.47
N ARG A 70 8.73 18.96 12.65
CA ARG A 70 7.96 17.72 12.77
C ARG A 70 7.27 17.41 11.45
N ILE A 71 7.34 16.14 11.04
CA ILE A 71 6.65 15.66 9.84
C ILE A 71 5.38 14.93 10.24
N TYR A 72 4.25 15.37 9.70
CA TYR A 72 2.98 14.70 9.95
C TYR A 72 2.48 14.06 8.66
N TYR A 73 2.41 12.73 8.67
CA TYR A 73 1.94 11.98 7.52
C TYR A 73 0.48 11.57 7.73
N LEU A 74 -0.43 12.30 7.08
CA LEU A 74 -1.87 12.04 7.18
C LEU A 74 -2.32 11.05 6.11
N SER A 75 -2.87 9.94 6.56
CA SER A 75 -3.41 8.93 5.65
C SER A 75 -4.65 8.30 6.27
N LEU A 76 -5.62 7.93 5.44
CA LEU A 76 -6.77 7.15 5.87
C LEU A 76 -6.42 5.66 5.94
N GLU A 77 -5.26 5.30 5.40
CA GLU A 77 -4.83 3.90 5.35
C GLU A 77 -3.40 3.68 5.83
N PHE A 78 -3.25 2.75 6.77
CA PHE A 78 -1.94 2.24 7.18
C PHE A 78 -1.97 0.71 7.15
N TYR A 79 -1.38 0.14 6.11
CA TYR A 79 -1.36 -1.31 5.95
C TYR A 79 -0.10 -1.90 6.60
N MET A 80 -0.17 -2.13 7.91
CA MET A 80 1.01 -2.44 8.72
C MET A 80 1.39 -3.91 8.73
N GLY A 81 0.40 -4.80 8.68
CA GLY A 81 0.66 -6.24 8.80
C GLY A 81 1.01 -6.60 10.22
N ARG A 82 1.84 -7.62 10.39
CA ARG A 82 2.26 -8.07 11.71
C ARG A 82 3.43 -7.23 12.20
N THR A 83 3.55 -7.12 13.52
CA THR A 83 4.50 -6.22 14.19
C THR A 83 5.62 -6.95 14.95
N LEU A 84 5.40 -8.21 15.31
CA LEU A 84 6.31 -8.92 16.22
C LEU A 84 7.70 -9.12 15.61
N GLN A 85 7.75 -9.76 14.45
CA GLN A 85 9.03 -10.07 13.82
C GLN A 85 9.75 -8.77 13.43
N ASN A 86 9.01 -7.83 12.86
CA ASN A 86 9.57 -6.52 12.49
C ASN A 86 10.24 -5.80 13.64
N THR A 87 9.60 -5.82 14.81
CA THR A 87 10.14 -5.21 16.01
C THR A 87 11.42 -5.93 16.44
N MET A 88 11.40 -7.27 16.42
CA MET A 88 12.59 -8.05 16.77
C MET A 88 13.74 -7.73 15.84
N VAL A 89 13.48 -7.74 14.54
CA VAL A 89 14.50 -7.41 13.53
C VAL A 89 15.12 -6.04 13.81
N ASN A 90 14.28 -5.02 13.98
CA ASN A 90 14.77 -3.64 14.14
C ASN A 90 15.48 -3.36 15.46
N LEU A 91 15.27 -4.21 16.45
CA LEU A 91 15.93 -4.08 17.76
C LEU A 91 17.08 -5.09 17.93
N ALA A 92 17.33 -5.91 16.91
CA ALA A 92 18.40 -6.92 16.91
C ALA A 92 18.18 -8.01 17.96
N LEU A 93 16.94 -8.45 18.10
CA LEU A 93 16.54 -9.42 19.14
C LEU A 93 16.09 -10.76 18.57
N GLU A 94 16.19 -10.92 17.26
CA GLU A 94 15.57 -12.06 16.59
C GLU A 94 16.17 -13.42 16.99
N ASN A 95 17.50 -13.52 17.04
CA ASN A 95 18.15 -14.78 17.44
C ASN A 95 17.98 -15.09 18.92
N ALA A 96 18.18 -14.06 19.75
CA ALA A 96 18.03 -14.17 21.19
C ALA A 96 16.64 -14.71 21.56
N CYS A 97 15.59 -14.09 21.02
CA CYS A 97 14.22 -14.55 21.24
C CYS A 97 13.99 -15.97 20.72
N ASP A 98 14.60 -16.30 19.58
CA ASP A 98 14.51 -17.64 18.99
C ASP A 98 15.18 -18.65 19.92
N GLU A 99 16.35 -18.29 20.43
CA GLU A 99 17.08 -19.12 21.38
C GLU A 99 16.30 -19.24 22.69
N ALA A 100 15.79 -18.10 23.18
CA ALA A 100 15.02 -18.06 24.41
C ALA A 100 13.75 -18.91 24.34
N THR A 101 13.01 -18.78 23.25
CA THR A 101 11.77 -19.55 23.08
C THR A 101 12.06 -21.04 22.89
N TYR A 102 13.15 -21.35 22.18
CA TYR A 102 13.60 -22.73 21.98
C TYR A 102 13.92 -23.42 23.32
N GLN A 103 14.58 -22.70 24.22
CA GLN A 103 14.93 -23.24 25.55
C GLN A 103 13.72 -23.45 26.47
N LEU A 104 12.64 -22.71 26.23
CA LEU A 104 11.34 -22.98 26.89
C LEU A 104 10.54 -24.06 26.14
N GLY A 105 11.13 -24.65 25.09
CA GLY A 105 10.48 -25.73 24.35
C GLY A 105 9.37 -25.26 23.43
N LEU A 106 9.55 -24.08 22.83
CA LEU A 106 8.58 -23.50 21.90
C LEU A 106 9.24 -23.16 20.57
N ASP A 107 8.45 -23.20 19.50
CA ASP A 107 8.89 -22.78 18.17
C ASP A 107 8.36 -21.37 17.89
N MET A 108 9.28 -20.42 17.77
CA MET A 108 8.93 -19.01 17.58
C MET A 108 8.12 -18.77 16.31
N GLU A 109 8.51 -19.42 15.21
CA GLU A 109 7.81 -19.26 13.93
C GLU A 109 6.33 -19.65 14.00
N GLU A 110 6.02 -20.62 14.86
CA GLU A 110 4.64 -21.04 15.09
C GLU A 110 3.85 -19.97 15.85
N LEU A 111 4.54 -19.24 16.75
CA LEU A 111 3.92 -18.16 17.53
C LEU A 111 3.71 -16.89 16.70
N GLU A 112 4.63 -16.61 15.77
CA GLU A 112 4.48 -15.50 14.84
C GLU A 112 3.25 -15.63 13.96
N GLU A 113 2.89 -16.86 13.61
CA GLU A 113 1.72 -17.15 12.76
C GLU A 113 0.38 -16.89 13.45
N ILE A 114 0.39 -16.75 14.77
CA ILE A 114 -0.83 -16.45 15.53
C ILE A 114 -1.20 -14.96 15.53
N GLU A 115 -0.22 -14.08 15.32
CA GLU A 115 -0.49 -12.63 15.31
C GLU A 115 -1.36 -12.23 14.11
N GLU A 116 -2.43 -11.48 14.38
CA GLU A 116 -3.31 -10.94 13.35
C GLU A 116 -2.62 -9.84 12.56
N ASP A 117 -2.85 -9.80 11.25
CA ASP A 117 -2.46 -8.65 10.42
C ASP A 117 -3.25 -7.40 10.85
N ALA A 118 -2.55 -6.29 11.03
CA ALA A 118 -3.21 -4.99 11.11
C ALA A 118 -3.47 -4.54 9.68
N GLY A 119 -4.64 -4.93 9.15
CA GLY A 119 -4.99 -4.64 7.77
C GLY A 119 -5.80 -3.37 7.63
N LEU A 120 -5.24 -2.25 8.08
CA LEU A 120 -5.93 -0.97 8.02
C LEU A 120 -5.70 -0.25 6.69
N GLY A 121 -5.74 -1.00 5.59
CA GLY A 121 -5.53 -0.45 4.25
C GLY A 121 -6.01 -1.41 3.17
N ASN A 122 -6.04 -0.95 1.92
CA ASN A 122 -6.54 -1.74 0.79
C ASN A 122 -5.44 -2.37 -0.06
N GLY A 123 -4.33 -1.67 -0.20
CA GLY A 123 -3.24 -2.13 -1.05
C GLY A 123 -2.10 -1.14 -1.12
N GLY A 124 -1.76 -0.74 -2.34
CA GLY A 124 -0.55 0.05 -2.62
C GLY A 124 -0.37 1.30 -1.78
N LEU A 125 -1.41 2.13 -1.72
CA LEU A 125 -1.37 3.39 -0.97
C LEU A 125 -1.19 3.17 0.54
N GLY A 126 -1.92 2.21 1.09
CA GLY A 126 -1.85 1.90 2.51
C GLY A 126 -0.52 1.32 2.92
N ARG A 127 0.01 0.41 2.08
CA ARG A 127 1.29 -0.23 2.37
C ARG A 127 2.46 0.74 2.20
N LEU A 128 2.34 1.68 1.26
CA LEU A 128 3.36 2.71 1.10
C LEU A 128 3.49 3.53 2.38
N ALA A 129 2.36 3.78 3.03
CA ALA A 129 2.36 4.54 4.28
C ALA A 129 3.16 3.79 5.35
N ALA A 130 2.97 2.48 5.43
CA ALA A 130 3.70 1.65 6.39
C ALA A 130 5.21 1.63 6.12
N CYS A 131 5.60 1.42 4.87
CA CYS A 131 7.01 1.46 4.48
C CYS A 131 7.63 2.80 4.82
N PHE A 132 6.89 3.87 4.58
CA PHE A 132 7.34 5.23 4.89
C PHE A 132 7.59 5.46 6.38
N LEU A 133 6.75 4.93 7.26
CA LEU A 133 6.94 5.10 8.69
C LEU A 133 8.24 4.44 9.14
N ASP A 134 8.45 3.22 8.66
CA ASP A 134 9.66 2.46 8.95
C ASP A 134 10.91 3.22 8.48
N SER A 135 10.85 3.76 7.26
CA SER A 135 11.98 4.49 6.69
C SER A 135 12.22 5.82 7.39
N MET A 136 11.13 6.46 7.86
CA MET A 136 11.24 7.76 8.52
C MET A 136 11.89 7.61 9.90
N ALA A 137 11.55 6.54 10.60
CA ALA A 137 12.17 6.19 11.86
C ALA A 137 13.65 5.85 11.66
N THR A 138 13.93 5.09 10.61
CA THR A 138 15.29 4.64 10.30
C THR A 138 16.20 5.82 9.95
N LEU A 139 15.64 6.89 9.38
CA LEU A 139 16.41 8.07 9.01
C LEU A 139 16.30 9.20 10.04
N GLY A 140 15.84 8.88 11.25
CA GLY A 140 15.91 9.80 12.38
C GLY A 140 15.10 11.08 12.27
N LEU A 141 14.06 11.06 11.45
CA LEU A 141 13.16 12.20 11.31
C LEU A 141 12.09 12.16 12.41
N ALA A 142 11.76 13.33 12.94
CA ALA A 142 10.72 13.46 13.95
C ALA A 142 9.36 13.39 13.27
N ALA A 143 8.89 12.17 13.03
CA ALA A 143 7.74 11.92 12.14
C ALA A 143 6.63 11.14 12.82
N TYR A 144 5.39 11.59 12.62
CA TYR A 144 4.20 10.99 13.21
C TYR A 144 3.25 10.55 12.11
N GLY A 145 2.83 9.29 12.14
CA GLY A 145 1.75 8.84 11.27
C GLY A 145 0.41 9.06 11.96
N TYR A 146 -0.52 9.73 11.27
CA TYR A 146 -1.86 10.00 11.81
C TYR A 146 -2.95 9.38 10.95
N GLY A 147 -3.88 8.67 11.58
CA GLY A 147 -4.94 7.98 10.86
C GLY A 147 -6.08 7.56 11.79
N ILE A 148 -6.86 6.58 11.33
CA ILE A 148 -8.03 6.12 12.05
C ILE A 148 -7.80 4.70 12.53
N ARG A 149 -8.17 4.44 13.78
CA ARG A 149 -8.14 3.09 14.33
C ARG A 149 -9.45 2.40 13.99
N TYR A 150 -9.49 1.75 12.82
CA TYR A 150 -10.69 1.02 12.42
C TYR A 150 -10.82 -0.23 13.28
N GLU A 151 -12.03 -0.49 13.76
CA GLU A 151 -12.31 -1.76 14.44
C GLU A 151 -12.25 -2.93 13.47
N PHE A 152 -12.63 -2.69 12.22
CA PHE A 152 -12.58 -3.72 11.20
C PHE A 152 -11.79 -3.22 9.99
N GLY A 153 -10.64 -3.86 9.74
CA GLY A 153 -9.79 -3.55 8.60
C GLY A 153 -10.37 -4.14 7.34
N ILE A 154 -9.52 -4.35 6.34
CA ILE A 154 -9.95 -4.97 5.08
C ILE A 154 -10.50 -6.38 5.37
N PHE A 155 -11.64 -6.69 4.76
CA PHE A 155 -12.32 -7.97 4.97
C PHE A 155 -11.44 -9.20 4.66
N ASN A 156 -11.65 -10.27 5.42
CA ASN A 156 -11.05 -11.54 5.09
C ASN A 156 -11.82 -12.17 3.93
N GLN A 157 -11.10 -12.48 2.86
CA GLN A 157 -11.67 -13.07 1.66
C GLN A 157 -11.73 -14.58 1.79
N LYS A 158 -12.91 -15.15 1.55
CA LYS A 158 -13.06 -16.58 1.44
C LYS A 158 -13.69 -16.91 0.10
N ILE A 159 -13.15 -17.93 -0.56
CA ILE A 159 -13.70 -18.42 -1.82
C ILE A 159 -14.71 -19.51 -1.49
N CYS A 160 -15.90 -19.40 -2.06
CA CYS A 160 -16.95 -20.40 -1.90
C CYS A 160 -17.60 -20.65 -3.25
N GLY A 161 -17.39 -21.83 -3.80
CA GLY A 161 -17.85 -22.17 -5.14
C GLY A 161 -17.14 -21.35 -6.21
N GLY A 162 -15.91 -20.96 -5.93
CA GLY A 162 -15.17 -20.06 -6.81
C GLY A 162 -15.57 -18.59 -6.72
N TRP A 163 -16.51 -18.26 -5.83
CA TRP A 163 -16.94 -16.87 -5.62
C TRP A 163 -16.34 -16.29 -4.34
N GLN A 164 -15.93 -15.03 -4.39
CA GLN A 164 -15.45 -14.31 -3.21
C GLN A 164 -16.58 -14.07 -2.22
N MET A 165 -16.35 -14.45 -0.97
CA MET A 165 -17.23 -14.08 0.14
C MET A 165 -16.42 -13.18 1.09
N GLU A 166 -17.06 -12.13 1.60
CA GLU A 166 -16.40 -11.23 2.52
C GLU A 166 -16.90 -11.50 3.92
N GLU A 167 -15.97 -11.70 4.86
CA GLU A 167 -16.33 -11.67 6.27
C GLU A 167 -15.44 -10.72 7.04
N ALA A 168 -15.96 -10.25 8.17
CA ALA A 168 -15.42 -9.09 8.87
C ALA A 168 -14.08 -9.40 9.50
N ASP A 169 -13.15 -8.46 9.38
CA ASP A 169 -11.82 -8.61 9.94
C ASP A 169 -11.84 -8.09 11.38
N ASP A 170 -12.21 -8.97 12.31
CA ASP A 170 -12.30 -8.63 13.73
C ASP A 170 -10.91 -8.81 14.38
N TRP A 171 -9.97 -7.95 13.96
CA TRP A 171 -8.56 -8.08 14.33
C TRP A 171 -8.27 -7.75 15.79
N LEU A 172 -9.15 -6.98 16.44
CA LEU A 172 -8.97 -6.63 17.85
C LEU A 172 -9.66 -7.58 18.84
N ARG A 173 -10.26 -8.66 18.34
CA ARG A 173 -11.01 -9.58 19.20
C ARG A 173 -10.20 -10.01 20.43
N TYR A 174 -8.96 -10.42 20.20
CA TYR A 174 -8.08 -10.95 21.25
C TYR A 174 -7.21 -9.88 21.90
N GLY A 175 -7.34 -8.63 21.47
CA GLY A 175 -6.52 -7.53 22.02
C GLY A 175 -5.30 -7.24 21.17
N ASN A 176 -4.79 -6.01 21.29
CA ASN A 176 -3.61 -5.57 20.56
C ASN A 176 -2.53 -5.10 21.56
N PRO A 177 -1.49 -5.91 21.77
CA PRO A 177 -0.47 -5.55 22.75
C PRO A 177 0.42 -4.38 22.32
N TRP A 178 0.38 -4.00 21.05
CA TRP A 178 1.29 -2.97 20.53
C TRP A 178 0.81 -1.54 20.78
N GLU A 179 -0.50 -1.36 20.96
CA GLU A 179 -1.08 -0.02 21.10
C GLU A 179 -1.16 0.39 22.56
N LYS A 180 -1.00 1.69 22.81
CA LYS A 180 -1.28 2.27 24.12
C LYS A 180 -2.37 3.33 23.97
N ALA A 181 -3.53 3.06 24.56
CA ALA A 181 -4.63 4.02 24.60
C ALA A 181 -4.21 5.24 25.39
N ARG A 182 -4.62 6.41 24.92
CA ARG A 182 -4.30 7.67 25.60
C ARG A 182 -5.58 8.47 25.80
N PRO A 183 -6.51 7.94 26.62
CA PRO A 183 -7.81 8.62 26.86
C PRO A 183 -7.69 10.05 27.41
N GLU A 184 -6.55 10.36 27.99
CA GLU A 184 -6.26 11.69 28.53
C GLU A 184 -6.01 12.75 27.45
N PHE A 185 -5.75 12.32 26.22
CA PHE A 185 -5.53 13.27 25.10
C PHE A 185 -6.75 13.34 24.16
N THR A 186 -7.94 13.16 24.72
CA THR A 186 -9.17 13.16 23.92
C THR A 186 -9.52 14.59 23.49
N LEU A 187 -10.08 14.70 22.29
CA LEU A 187 -10.32 15.99 21.62
C LEU A 187 -11.72 15.99 21.01
N PRO A 188 -12.41 17.14 21.06
CA PRO A 188 -13.69 17.24 20.36
C PRO A 188 -13.54 17.45 18.85
N VAL A 189 -14.43 16.82 18.08
CA VAL A 189 -14.57 17.05 16.65
C VAL A 189 -16.02 17.48 16.41
N HIS A 190 -16.22 18.50 15.58
CA HIS A 190 -17.56 19.08 15.35
C HIS A 190 -18.13 18.71 13.99
N PHE A 191 -19.45 18.49 13.96
CA PHE A 191 -20.19 18.18 12.74
C PHE A 191 -21.51 18.96 12.69
N TYR A 192 -22.04 19.14 11.48
CA TYR A 192 -23.30 19.84 11.25
C TYR A 192 -23.24 21.30 11.75
N GLY A 193 -24.29 21.75 12.45
CA GLY A 193 -24.36 23.13 12.91
C GLY A 193 -24.65 24.11 11.78
N ARG A 194 -24.29 25.38 12.01
CA ARG A 194 -24.48 26.43 11.02
C ARG A 194 -23.49 27.55 11.30
N VAL A 195 -23.41 28.51 10.38
CA VAL A 195 -22.48 29.62 10.50
C VAL A 195 -23.22 30.89 10.92
N GLU A 196 -22.73 31.52 11.99
CA GLU A 196 -23.20 32.83 12.43
C GLU A 196 -22.14 33.88 12.11
N HIS A 197 -22.57 35.00 11.53
CA HIS A 197 -21.66 36.12 11.25
C HIS A 197 -21.84 37.21 12.31
N THR A 198 -20.72 37.73 12.81
CA THR A 198 -20.72 38.79 13.79
C THR A 198 -19.75 39.89 13.35
N SER A 199 -19.58 40.90 14.21
CA SER A 199 -18.55 41.91 14.01
C SER A 199 -17.16 41.30 14.14
N GLN A 200 -17.02 40.39 15.11
CA GLN A 200 -15.76 39.65 15.31
C GLN A 200 -15.70 38.36 14.46
N GLY A 201 -16.13 38.44 13.20
CA GLY A 201 -15.96 37.34 12.25
C GLY A 201 -16.99 36.22 12.33
N ALA A 202 -16.73 35.15 11.58
CA ALA A 202 -17.63 34.00 11.50
C ALA A 202 -17.50 33.09 12.73
N LYS A 203 -18.58 32.36 13.02
CA LYS A 203 -18.63 31.46 14.17
C LYS A 203 -19.45 30.23 13.82
N TRP A 204 -18.89 29.05 14.08
CA TRP A 204 -19.55 27.78 13.79
C TRP A 204 -20.26 27.28 15.06
N VAL A 205 -21.59 27.17 14.99
CA VAL A 205 -22.43 26.92 16.17
C VAL A 205 -23.47 25.82 15.97
N ASP A 206 -24.07 25.36 17.07
CA ASP A 206 -25.08 24.30 17.11
C ASP A 206 -24.57 22.99 16.52
N THR A 207 -23.32 22.66 16.82
CA THR A 207 -22.68 21.48 16.26
C THR A 207 -22.92 20.27 17.14
N GLN A 208 -22.93 19.09 16.51
CA GLN A 208 -22.83 17.83 17.23
C GLN A 208 -21.36 17.52 17.47
N VAL A 209 -21.05 17.09 18.69
CA VAL A 209 -19.69 16.76 19.10
C VAL A 209 -19.46 15.24 19.07
N VAL A 210 -18.37 14.82 18.45
CA VAL A 210 -17.85 13.46 18.61
C VAL A 210 -16.44 13.55 19.21
N LEU A 211 -16.14 12.65 20.14
CA LEU A 211 -14.83 12.64 20.77
C LEU A 211 -13.84 11.74 20.00
N ALA A 212 -12.61 12.21 19.87
CA ALA A 212 -11.55 11.46 19.20
C ALA A 212 -10.52 11.00 20.23
N MET A 213 -10.46 9.70 20.46
CA MET A 213 -9.53 9.11 21.43
C MET A 213 -8.31 8.50 20.73
N PRO A 214 -7.09 8.97 21.06
CA PRO A 214 -5.90 8.48 20.37
C PRO A 214 -5.35 7.17 20.93
N TYR A 215 -4.86 6.31 20.05
CA TYR A 215 -4.10 5.11 20.42
C TYR A 215 -2.73 5.21 19.77
N ASP A 216 -1.67 5.13 20.57
CA ASP A 216 -0.30 5.23 20.07
C ASP A 216 0.36 3.87 19.86
N THR A 217 0.98 3.71 18.69
CA THR A 217 1.68 2.49 18.33
C THR A 217 3.12 2.86 18.03
N PRO A 218 4.08 2.13 18.61
CA PRO A 218 5.48 2.48 18.40
C PRO A 218 5.97 2.06 17.02
N VAL A 219 6.84 2.87 16.42
CA VAL A 219 7.45 2.57 15.13
C VAL A 219 8.97 2.63 15.28
N PRO A 220 9.61 1.46 15.38
CA PRO A 220 11.05 1.45 15.65
C PRO A 220 11.90 1.60 14.39
N GLY A 221 12.91 2.45 14.44
CA GLY A 221 13.88 2.53 13.36
C GLY A 221 14.80 1.32 13.37
N TYR A 222 15.58 1.12 12.30
CA TYR A 222 16.48 -0.02 12.22
C TYR A 222 17.76 0.24 13.01
N ARG A 223 17.84 -0.37 14.19
CA ARG A 223 19.04 -0.39 15.03
C ARG A 223 19.64 0.98 15.30
N ASN A 224 18.77 1.96 15.47
CA ASN A 224 19.18 3.32 15.82
C ASN A 224 18.56 3.83 17.11
N ASN A 225 17.81 2.96 17.80
CA ASN A 225 17.12 3.29 19.06
C ASN A 225 16.14 4.45 18.97
N VAL A 226 15.77 4.83 17.75
CA VAL A 226 14.69 5.77 17.52
C VAL A 226 13.40 4.96 17.49
N VAL A 227 12.37 5.47 18.16
CA VAL A 227 11.06 4.86 18.15
C VAL A 227 10.04 5.98 17.98
N ASN A 228 9.49 6.08 16.76
CA ASN A 228 8.48 7.07 16.44
C ASN A 228 7.09 6.55 16.80
N THR A 229 6.11 7.42 16.64
CA THR A 229 4.73 7.12 17.01
C THR A 229 3.82 7.12 15.80
N MET A 230 2.91 6.15 15.78
CA MET A 230 1.74 6.21 14.90
C MET A 230 0.53 6.44 15.79
N ARG A 231 -0.15 7.56 15.60
CA ARG A 231 -1.33 7.87 16.41
C ARG A 231 -2.60 7.69 15.60
N LEU A 232 -3.45 6.77 16.05
CA LEU A 232 -4.71 6.46 15.38
C LEU A 232 -5.89 6.87 16.26
N TRP A 233 -6.87 7.52 15.65
CA TRP A 233 -8.01 8.05 16.38
C TRP A 233 -9.16 7.05 16.41
N SER A 234 -9.85 7.03 17.55
CA SER A 234 -11.03 6.19 17.75
C SER A 234 -12.20 7.10 18.13
N ALA A 235 -13.39 6.80 17.61
CA ALA A 235 -14.57 7.63 17.83
C ALA A 235 -15.28 7.28 19.13
N LYS A 236 -15.60 8.30 19.92
CA LYS A 236 -16.32 8.14 21.19
C LYS A 236 -17.45 9.15 21.30
N ALA A 237 -18.59 8.70 21.81
CA ALA A 237 -19.69 9.62 22.07
C ALA A 237 -19.44 10.34 23.37
N PRO A 238 -19.87 11.62 23.47
CA PRO A 238 -19.82 12.30 24.75
C PRO A 238 -20.88 11.72 25.70
N ASN A 239 -20.76 12.02 26.99
CA ASN A 239 -21.60 11.38 28.01
C ASN A 239 -22.98 12.02 28.22
N ASP A 240 -23.16 13.25 27.76
CA ASP A 240 -24.48 13.90 27.82
C ASP A 240 -25.29 13.61 26.55
N GLY A 250 -36.70 6.06 25.79
CA GLY A 250 -36.02 7.27 26.22
C GLY A 250 -34.59 7.03 26.63
N TYR A 251 -34.39 6.66 27.90
CA TYR A 251 -33.04 6.51 28.47
C TYR A 251 -32.25 5.38 27.81
N ILE A 252 -32.88 4.22 27.65
CA ILE A 252 -32.20 3.08 27.07
C ILE A 252 -31.74 3.42 25.65
N GLN A 253 -32.67 3.91 24.84
CA GLN A 253 -32.40 4.23 23.44
C GLN A 253 -31.32 5.29 23.29
N ALA A 254 -31.34 6.29 24.15
CA ALA A 254 -30.30 7.32 24.16
C ALA A 254 -28.91 6.69 24.29
N VAL A 255 -28.79 5.73 25.20
CA VAL A 255 -27.52 5.05 25.43
C VAL A 255 -27.13 4.18 24.24
N LEU A 256 -28.10 3.47 23.66
CA LEU A 256 -27.87 2.67 22.46
C LEU A 256 -27.50 3.53 21.24
N ASP A 257 -27.99 4.76 21.17
CA ASP A 257 -27.73 5.65 20.04
C ASP A 257 -26.31 6.21 20.03
N ARG A 258 -25.55 6.00 21.11
CA ARG A 258 -24.14 6.36 21.14
C ARG A 258 -23.35 5.67 20.02
N ASN A 259 -23.81 4.48 19.62
CA ASN A 259 -23.22 3.74 18.51
C ASN A 259 -23.11 4.55 17.21
N LEU A 260 -24.09 5.39 16.93
CA LEU A 260 -24.09 6.18 15.70
C LEU A 260 -22.85 7.08 15.59
N ALA A 261 -22.47 7.70 16.71
CA ALA A 261 -21.29 8.56 16.73
C ALA A 261 -20.02 7.73 16.59
N GLU A 262 -20.01 6.58 17.24
CA GLU A 262 -18.83 5.73 17.30
C GLU A 262 -18.64 4.90 16.03
N ASN A 263 -19.67 4.83 15.19
CA ASN A 263 -19.56 4.20 13.87
C ASN A 263 -18.50 4.84 12.95
N ILE A 264 -18.14 6.10 13.22
CA ILE A 264 -17.13 6.80 12.41
C ILE A 264 -15.84 5.99 12.24
N SER A 265 -15.38 5.33 13.31
CA SER A 265 -14.13 4.57 13.26
C SER A 265 -14.37 3.06 13.22
N ARG A 266 -15.54 2.63 12.77
CA ARG A 266 -15.90 1.22 12.85
C ARG A 266 -15.22 0.38 11.77
N VAL A 267 -15.27 0.84 10.52
CA VAL A 267 -14.85 0.00 9.39
C VAL A 267 -14.15 0.78 8.25
N LEU A 268 -13.14 0.13 7.67
CA LEU A 268 -12.40 0.69 6.53
C LEU A 268 -13.22 0.49 5.27
N TYR A 269 -13.42 1.57 4.51
CA TYR A 269 -14.05 1.46 3.18
C TYR A 269 -13.16 0.64 2.26
N PRO A 270 -13.67 -0.50 1.75
CA PRO A 270 -12.88 -1.44 0.95
C PRO A 270 -12.86 -1.13 -0.55
N ASN A 271 -13.28 0.07 -0.93
CA ASN A 271 -13.44 0.46 -2.32
C ASN A 271 -12.26 1.34 -2.77
N ASP A 272 -11.37 0.79 -3.59
CA ASP A 272 -10.16 1.53 -4.03
C ASP A 272 -10.14 1.84 -5.54
N ASN A 273 -11.27 1.64 -6.20
CA ASN A 273 -11.40 1.84 -7.65
C ASN A 273 -12.37 2.96 -8.03
N PHE A 274 -13.45 3.10 -7.27
CA PHE A 274 -14.59 3.91 -7.66
C PHE A 274 -15.00 4.81 -6.50
N PHE A 275 -15.09 6.12 -6.74
CA PHE A 275 -15.50 7.04 -5.69
C PHE A 275 -17.01 6.99 -5.47
N GLU A 276 -17.42 6.97 -4.21
CA GLU A 276 -18.82 7.03 -3.82
C GLU A 276 -19.00 8.09 -2.73
N GLY A 277 -19.88 9.05 -2.97
CA GLY A 277 -20.11 10.14 -2.03
C GLY A 277 -20.94 9.74 -0.82
N LYS A 278 -20.38 8.87 0.02
CA LYS A 278 -21.06 8.38 1.21
C LYS A 278 -20.75 9.29 2.39
N GLU A 279 -21.80 9.74 3.08
CA GLU A 279 -21.67 10.65 4.21
C GLU A 279 -20.68 10.11 5.25
N LEU A 280 -20.86 8.87 5.66
CA LEU A 280 -20.00 8.26 6.68
C LEU A 280 -18.51 8.35 6.32
N ARG A 281 -18.18 8.14 5.05
CA ARG A 281 -16.80 8.27 4.56
C ARG A 281 -16.27 9.69 4.73
N LEU A 282 -17.11 10.69 4.46
CA LEU A 282 -16.74 12.09 4.65
C LEU A 282 -16.49 12.40 6.12
N LYS A 283 -17.30 11.81 7.00
CA LYS A 283 -17.13 11.99 8.43
C LYS A 283 -15.78 11.44 8.90
N GLN A 284 -15.41 10.28 8.36
CA GLN A 284 -14.10 9.69 8.61
C GLN A 284 -12.98 10.63 8.23
N GLU A 285 -13.11 11.26 7.06
CA GLU A 285 -12.09 12.14 6.54
C GLU A 285 -11.94 13.41 7.40
N TYR A 286 -13.05 14.02 7.79
CA TYR A 286 -12.94 15.21 8.65
C TYR A 286 -12.46 14.83 10.06
N PHE A 287 -12.98 13.72 10.58
CA PHE A 287 -12.61 13.21 11.89
C PHE A 287 -11.09 13.14 12.06
N VAL A 288 -10.43 12.47 11.14
CA VAL A 288 -8.97 12.29 11.21
C VAL A 288 -8.27 13.65 11.12
N VAL A 289 -8.76 14.50 10.22
CA VAL A 289 -8.17 15.81 9.96
C VAL A 289 -8.35 16.79 11.12
N ALA A 290 -9.55 16.80 11.69
CA ALA A 290 -9.88 17.72 12.77
C ALA A 290 -9.09 17.41 14.04
N ALA A 291 -9.07 16.15 14.44
CA ALA A 291 -8.36 15.77 15.67
C ALA A 291 -6.85 15.91 15.51
N THR A 292 -6.35 15.59 14.33
CA THR A 292 -4.92 15.63 14.05
C THR A 292 -4.40 17.07 14.08
N LEU A 293 -5.14 17.99 13.48
CA LEU A 293 -4.70 19.39 13.42
C LEU A 293 -4.72 20.07 14.80
N GLN A 294 -5.66 19.71 15.67
CA GLN A 294 -5.63 20.20 17.06
C GLN A 294 -4.40 19.69 17.79
N ASP A 295 -4.06 18.43 17.54
CA ASP A 295 -2.89 17.79 18.13
C ASP A 295 -1.60 18.45 17.64
N ILE A 296 -1.55 18.75 16.35
CA ILE A 296 -0.39 19.43 15.75
C ILE A 296 -0.20 20.81 16.38
N ILE A 297 -1.28 21.55 16.50
CA ILE A 297 -1.24 22.92 17.01
C ILE A 297 -0.87 22.96 18.49
N ARG A 298 -1.51 22.10 19.29
CA ARG A 298 -1.17 21.92 20.70
C ARG A 298 0.34 21.72 20.90
N ARG A 299 0.92 20.83 20.09
CA ARG A 299 2.34 20.53 20.17
C ARG A 299 3.22 21.70 19.74
N PHE A 300 2.77 22.44 18.72
CA PHE A 300 3.46 23.65 18.27
C PHE A 300 3.45 24.76 19.32
N LYS A 301 2.30 24.99 19.94
CA LYS A 301 2.16 26.09 20.90
C LYS A 301 3.00 25.91 22.17
N SER A 302 3.28 24.66 22.54
CA SER A 302 4.05 24.35 23.74
C SER A 302 5.47 23.92 23.38
N SER A 303 6.13 24.72 22.54
CA SER A 303 7.49 24.41 22.07
C SER A 303 8.56 24.68 23.13
N THR A 313 2.00 31.92 19.45
CA THR A 313 1.25 33.06 18.97
C THR A 313 1.80 33.62 17.65
N ASN A 314 3.09 33.35 17.37
CA ASN A 314 3.67 33.71 16.09
C ASN A 314 3.60 32.51 15.13
N PHE A 315 2.59 32.53 14.27
CA PHE A 315 2.37 31.46 13.30
C PHE A 315 3.21 31.63 12.03
N ASP A 316 4.06 32.66 12.01
CA ASP A 316 5.06 32.80 10.94
C ASP A 316 6.00 31.62 10.95
N ALA A 317 6.30 31.12 12.15
CA ALA A 317 7.23 30.00 12.34
C ALA A 317 6.58 28.62 12.13
N PHE A 318 5.26 28.58 11.99
CA PHE A 318 4.52 27.32 11.84
C PHE A 318 5.08 26.42 10.73
N PRO A 319 5.29 26.97 9.51
CA PRO A 319 5.94 26.16 8.46
C PRO A 319 7.41 25.77 8.69
N ASP A 320 8.11 26.47 9.58
CA ASP A 320 9.47 26.07 9.96
C ASP A 320 9.49 24.95 11.00
N LYS A 321 8.36 24.69 11.64
CA LYS A 321 8.23 23.65 12.67
C LYS A 321 7.26 22.53 12.32
N VAL A 322 6.50 22.68 11.23
CA VAL A 322 5.48 21.70 10.85
C VAL A 322 5.48 21.45 9.36
N ALA A 323 5.48 20.17 8.98
CA ALA A 323 5.18 19.74 7.62
C ALA A 323 4.02 18.75 7.69
N ILE A 324 3.01 18.96 6.84
CA ILE A 324 1.86 18.07 6.74
C ILE A 324 1.82 17.46 5.35
N GLN A 325 1.98 16.14 5.29
CA GLN A 325 1.92 15.41 4.03
C GLN A 325 0.56 14.75 3.85
N LEU A 326 -0.08 15.05 2.71
CA LEU A 326 -1.38 14.47 2.40
C LEU A 326 -1.21 13.28 1.46
N ASN A 327 -1.61 12.10 1.96
CA ASN A 327 -1.55 10.86 1.20
C ASN A 327 -2.82 10.75 0.34
N ASP A 328 -2.72 11.27 -0.88
CA ASP A 328 -3.86 11.46 -1.79
C ASP A 328 -4.80 12.52 -1.22
N THR A 329 -6.01 12.64 -1.76
CA THR A 329 -6.93 13.72 -1.38
C THR A 329 -7.81 13.34 -0.18
N HIS A 330 -7.59 12.15 0.38
CA HIS A 330 -8.49 11.64 1.42
C HIS A 330 -8.52 12.53 2.68
N PRO A 331 -7.38 13.14 3.05
CA PRO A 331 -7.34 14.18 4.07
C PRO A 331 -7.19 15.58 3.50
N SER A 332 -7.81 15.85 2.35
CA SER A 332 -7.75 17.17 1.72
C SER A 332 -8.31 18.27 2.61
N LEU A 333 -9.29 17.94 3.44
CA LEU A 333 -9.95 18.91 4.32
C LEU A 333 -9.02 19.55 5.35
N ALA A 334 -7.83 18.98 5.52
CA ALA A 334 -6.77 19.62 6.33
C ALA A 334 -6.51 21.05 5.89
N ILE A 335 -6.65 21.31 4.59
CA ILE A 335 -6.41 22.64 4.03
C ILE A 335 -7.44 23.67 4.53
N PRO A 336 -8.75 23.46 4.25
CA PRO A 336 -9.74 24.40 4.79
C PRO A 336 -9.88 24.38 6.33
N GLU A 337 -9.55 23.27 6.97
CA GLU A 337 -9.58 23.19 8.43
C GLU A 337 -8.47 24.03 9.05
N LEU A 338 -7.29 24.00 8.44
CA LEU A 338 -6.18 24.80 8.92
C LEU A 338 -6.53 26.28 8.77
N MET A 339 -7.10 26.65 7.63
CA MET A 339 -7.62 28.00 7.42
C MET A 339 -8.66 28.39 8.48
N ARG A 340 -9.62 27.51 8.73
CA ARG A 340 -10.67 27.79 9.71
C ARG A 340 -10.09 28.12 11.07
N VAL A 341 -9.20 27.25 11.54
CA VAL A 341 -8.55 27.44 12.83
C VAL A 341 -7.79 28.76 12.84
N LEU A 342 -6.95 29.01 11.82
CA LEU A 342 -6.12 30.20 11.77
C LEU A 342 -6.95 31.48 11.66
N VAL A 343 -7.99 31.45 10.84
CA VAL A 343 -8.83 32.63 10.63
C VAL A 343 -9.86 32.82 11.75
N ASP A 344 -10.71 31.82 11.97
CA ASP A 344 -11.84 31.96 12.91
C ASP A 344 -11.43 31.96 14.38
N LEU A 345 -10.47 31.12 14.76
CA LEU A 345 -10.12 30.95 16.17
C LEU A 345 -8.89 31.75 16.60
N GLU A 346 -7.88 31.80 15.73
CA GLU A 346 -6.64 32.52 16.04
C GLU A 346 -6.65 33.99 15.54
N ARG A 347 -7.61 34.34 14.70
CA ARG A 347 -7.82 35.73 14.23
C ARG A 347 -6.71 36.28 13.33
N LEU A 348 -6.04 35.42 12.57
CA LEU A 348 -5.09 35.88 11.56
C LEU A 348 -5.89 36.37 10.36
N ASP A 349 -5.35 37.33 9.64
CA ASP A 349 -5.98 37.80 8.41
C ASP A 349 -5.85 36.71 7.35
N TRP A 350 -6.79 36.69 6.40
CA TRP A 350 -6.89 35.62 5.41
C TRP A 350 -5.58 35.36 4.68
N ASP A 351 -4.97 36.41 4.14
CA ASP A 351 -3.76 36.27 3.32
C ASP A 351 -2.58 35.67 4.06
N LYS A 352 -2.44 35.99 5.35
CA LYS A 352 -1.36 35.43 6.16
C LYS A 352 -1.61 33.97 6.54
N ALA A 353 -2.86 33.63 6.84
CA ALA A 353 -3.24 32.25 7.12
C ALA A 353 -2.97 31.37 5.89
N TRP A 354 -3.40 31.87 4.73
CA TRP A 354 -3.20 31.18 3.45
C TRP A 354 -1.72 30.89 3.15
N GLU A 355 -0.87 31.87 3.41
CA GLU A 355 0.58 31.71 3.21
C GLU A 355 1.13 30.57 4.08
N VAL A 356 0.76 30.57 5.37
CA VAL A 356 1.17 29.51 6.30
C VAL A 356 0.66 28.13 5.83
N THR A 357 -0.59 28.09 5.38
CA THR A 357 -1.20 26.83 4.94
C THR A 357 -0.43 26.21 3.76
N VAL A 358 -0.20 27.00 2.72
CA VAL A 358 0.50 26.52 1.52
C VAL A 358 1.92 26.05 1.86
N LYS A 359 2.65 26.86 2.63
CA LYS A 359 3.98 26.50 3.11
C LYS A 359 4.00 25.24 3.99
N THR A 360 2.88 24.93 4.63
CA THR A 360 2.78 23.77 5.50
C THR A 360 2.44 22.49 4.75
N CYS A 361 1.51 22.57 3.80
CA CYS A 361 0.92 21.37 3.19
C CYS A 361 1.61 20.93 1.90
N ALA A 362 1.59 19.62 1.67
CA ALA A 362 2.08 19.03 0.43
C ALA A 362 1.20 17.82 0.09
N TYR A 363 1.05 17.56 -1.21
CA TYR A 363 0.08 16.58 -1.70
C TYR A 363 0.72 15.57 -2.64
N THR A 364 0.50 14.29 -2.36
CA THR A 364 0.95 13.20 -3.19
C THR A 364 -0.24 12.55 -3.87
N ASN A 365 -0.19 12.45 -5.19
CA ASN A 365 -1.24 11.83 -5.99
C ASN A 365 -0.92 10.38 -6.29
N HIS A 366 -1.92 9.51 -6.15
CA HIS A 366 -1.75 8.08 -6.42
C HIS A 366 -2.71 7.58 -7.48
N THR A 367 -3.45 8.49 -8.11
CA THR A 367 -4.66 8.14 -8.83
C THR A 367 -4.66 8.71 -10.24
N VAL A 368 -4.82 7.82 -11.22
CA VAL A 368 -4.83 8.20 -12.63
C VAL A 368 -6.27 8.24 -13.14
N LEU A 369 -7.01 7.17 -12.84
CA LEU A 369 -8.35 6.99 -13.39
C LEU A 369 -9.34 7.99 -12.82
N PRO A 370 -10.15 8.63 -13.69
CA PRO A 370 -11.04 9.71 -13.26
C PRO A 370 -12.12 9.28 -12.26
N GLU A 371 -12.62 8.05 -12.39
CA GLU A 371 -13.67 7.58 -11.48
C GLU A 371 -13.19 7.33 -10.04
N ALA A 372 -11.87 7.35 -9.84
CA ALA A 372 -11.28 7.19 -8.51
C ALA A 372 -11.06 8.54 -7.80
N LEU A 373 -11.16 9.64 -8.53
CA LEU A 373 -10.97 10.98 -7.95
C LEU A 373 -12.14 11.39 -7.06
N GLU A 374 -11.82 12.05 -5.95
CA GLU A 374 -12.84 12.52 -5.02
C GLU A 374 -13.49 13.80 -5.51
N ARG A 375 -14.80 13.72 -5.76
CA ARG A 375 -15.60 14.88 -6.15
C ARG A 375 -16.85 14.95 -5.25
N TRP A 376 -16.74 15.61 -4.11
CA TRP A 376 -17.82 15.60 -3.12
C TRP A 376 -19.01 16.50 -3.54
N PRO A 377 -20.23 15.96 -3.52
CA PRO A 377 -21.42 16.79 -3.74
C PRO A 377 -21.47 17.95 -2.76
N VAL A 378 -21.73 19.14 -3.28
CA VAL A 378 -21.82 20.35 -2.45
C VAL A 378 -22.87 20.24 -1.36
N HIS A 379 -24.01 19.60 -1.65
CA HIS A 379 -25.09 19.51 -0.66
C HIS A 379 -24.66 18.75 0.60
N LEU A 380 -23.75 17.78 0.42
CA LEU A 380 -23.17 17.05 1.54
C LEU A 380 -22.31 17.96 2.43
N LEU A 381 -21.41 18.72 1.82
CA LEU A 381 -20.53 19.64 2.57
C LEU A 381 -21.35 20.72 3.26
N GLU A 382 -22.41 21.16 2.60
CA GLU A 382 -23.33 22.16 3.12
C GLU A 382 -23.89 21.74 4.48
N THR A 383 -24.39 20.51 4.56
CA THR A 383 -25.05 20.01 5.75
C THR A 383 -24.05 19.65 6.84
N LEU A 384 -22.98 18.96 6.47
CA LEU A 384 -22.03 18.42 7.44
C LEU A 384 -20.98 19.43 7.87
N LEU A 385 -20.45 20.20 6.92
CA LEU A 385 -19.34 21.09 7.18
C LEU A 385 -19.57 22.47 6.56
N PRO A 386 -20.63 23.18 7.02
CA PRO A 386 -21.03 24.41 6.35
C PRO A 386 -19.94 25.47 6.29
N ARG A 387 -19.17 25.64 7.36
CA ARG A 387 -18.09 26.63 7.38
C ARG A 387 -16.94 26.28 6.41
N HIS A 388 -16.65 25.00 6.24
CA HIS A 388 -15.60 24.56 5.32
C HIS A 388 -16.00 24.80 3.85
N LEU A 389 -17.30 24.77 3.57
CA LEU A 389 -17.80 25.05 2.23
C LEU A 389 -17.51 26.51 1.87
N GLN A 390 -17.79 27.41 2.81
CA GLN A 390 -17.56 28.84 2.64
C GLN A 390 -16.10 29.13 2.38
N ILE A 391 -15.24 28.51 3.17
CA ILE A 391 -13.80 28.69 3.06
C ILE A 391 -13.32 28.17 1.70
N ILE A 392 -13.90 27.07 1.23
CA ILE A 392 -13.56 26.51 -0.06
C ILE A 392 -13.98 27.44 -1.20
N TYR A 393 -15.19 27.99 -1.11
CA TYR A 393 -15.67 28.97 -2.10
C TYR A 393 -14.74 30.18 -2.17
N GLU A 394 -14.32 30.67 -1.01
CA GLU A 394 -13.39 31.81 -0.93
C GLU A 394 -12.01 31.47 -1.48
N ILE A 395 -11.53 30.25 -1.22
CA ILE A 395 -10.26 29.80 -1.79
C ILE A 395 -10.35 29.76 -3.31
N ASN A 396 -11.45 29.23 -3.83
CA ASN A 396 -11.67 29.11 -5.26
C ASN A 396 -11.65 30.47 -5.96
N GLN A 397 -12.35 31.43 -5.36
CA GLN A 397 -12.47 32.77 -5.94
C GLN A 397 -11.14 33.49 -6.03
N ARG A 398 -10.35 33.41 -4.96
CA ARG A 398 -9.03 34.05 -4.92
C ARG A 398 -8.04 33.34 -5.85
N PHE A 399 -8.21 32.03 -6.01
CA PHE A 399 -7.40 31.24 -6.91
C PHE A 399 -7.70 31.55 -8.38
N LEU A 400 -8.99 31.62 -8.73
CA LEU A 400 -9.39 31.87 -10.12
C LEU A 400 -9.08 33.30 -10.56
N ASN A 401 -9.01 34.22 -9.60
CA ASN A 401 -8.55 35.58 -9.89
C ASN A 401 -7.12 35.61 -10.36
N ARG A 402 -6.26 34.78 -9.76
CA ARG A 402 -4.88 34.64 -10.20
C ARG A 402 -4.78 34.00 -11.57
N VAL A 403 -5.66 33.04 -11.86
CA VAL A 403 -5.71 32.40 -13.17
C VAL A 403 -6.15 33.42 -14.24
N ALA A 404 -7.20 34.16 -13.96
CA ALA A 404 -7.68 35.21 -14.86
C ALA A 404 -6.58 36.22 -15.16
N ALA A 405 -5.88 36.68 -14.11
CA ALA A 405 -4.81 37.66 -14.27
C ALA A 405 -3.61 37.17 -15.08
N ALA A 406 -3.33 35.86 -15.04
CA ALA A 406 -2.20 35.28 -15.78
C ALA A 406 -2.57 34.83 -17.20
N PHE A 407 -3.84 34.46 -17.39
CA PHE A 407 -4.35 34.04 -18.69
C PHE A 407 -5.63 34.83 -19.00
N PRO A 408 -5.50 36.13 -19.29
CA PRO A 408 -6.69 36.96 -19.48
C PRO A 408 -7.46 36.56 -20.74
N GLY A 409 -8.76 36.35 -20.60
CA GLY A 409 -9.63 35.98 -21.73
C GLY A 409 -9.94 34.48 -21.83
N ASP A 410 -9.07 33.65 -21.26
CA ASP A 410 -9.20 32.20 -21.35
C ASP A 410 -10.28 31.69 -20.39
N VAL A 411 -11.54 31.86 -20.78
CA VAL A 411 -12.68 31.45 -19.95
C VAL A 411 -12.81 29.94 -19.82
N ASP A 412 -12.36 29.22 -20.84
CA ASP A 412 -12.29 27.76 -20.75
C ASP A 412 -11.39 27.29 -19.62
N ARG A 413 -10.24 27.94 -19.47
CA ARG A 413 -9.29 27.59 -18.41
C ARG A 413 -9.92 27.77 -17.04
N LEU A 414 -10.73 28.83 -16.89
CA LEU A 414 -11.39 29.13 -15.61
C LEU A 414 -12.29 27.98 -15.15
N ARG A 415 -13.18 27.50 -16.00
CA ARG A 415 -14.09 26.43 -15.60
C ARG A 415 -13.35 25.10 -15.37
N ARG A 416 -12.33 24.82 -16.17
CA ARG A 416 -11.51 23.63 -16.01
C ARG A 416 -10.69 23.60 -14.71
N MET A 417 -10.18 24.77 -14.30
CA MET A 417 -9.31 24.86 -13.14
C MET A 417 -10.07 25.09 -11.83
N SER A 418 -11.37 25.37 -11.93
CA SER A 418 -12.21 25.66 -10.76
C SER A 418 -12.27 24.49 -9.77
N LEU A 419 -12.29 24.81 -8.48
CA LEU A 419 -12.52 23.80 -7.45
C LEU A 419 -13.96 23.31 -7.49
N VAL A 420 -14.88 24.18 -7.94
CA VAL A 420 -16.29 23.84 -8.04
C VAL A 420 -16.58 23.36 -9.45
N GLU A 421 -17.00 22.10 -9.57
CA GLU A 421 -17.45 21.56 -10.85
C GLU A 421 -18.96 21.73 -10.96
N GLU A 422 -19.40 22.36 -12.05
CA GLU A 422 -20.81 22.63 -12.26
C GLU A 422 -21.46 21.47 -13.01
N GLY A 423 -22.78 21.36 -12.91
CA GLY A 423 -23.54 20.28 -13.54
C GLY A 423 -24.87 20.09 -12.85
N ALA A 424 -25.52 18.95 -13.10
CA ALA A 424 -26.78 18.62 -12.44
C ALA A 424 -26.61 18.74 -10.92
N VAL A 425 -25.60 18.06 -10.39
CA VAL A 425 -25.20 18.21 -8.99
C VAL A 425 -23.81 18.85 -8.92
N LYS A 426 -23.69 19.93 -8.16
CA LYS A 426 -22.40 20.60 -7.99
C LYS A 426 -21.48 19.72 -7.16
N ARG A 427 -20.17 19.78 -7.46
CA ARG A 427 -19.18 18.99 -6.74
C ARG A 427 -17.95 19.80 -6.44
N ILE A 428 -17.30 19.53 -5.32
CA ILE A 428 -15.96 20.05 -5.06
C ILE A 428 -14.93 19.01 -5.52
N ASN A 429 -14.00 19.45 -6.37
CA ASN A 429 -12.90 18.60 -6.83
C ASN A 429 -11.73 18.72 -5.85
N MET A 430 -11.53 17.68 -5.04
CA MET A 430 -10.59 17.77 -3.93
C MET A 430 -9.13 17.79 -4.41
N ALA A 431 -8.88 17.25 -5.59
CA ALA A 431 -7.55 17.30 -6.20
C ALA A 431 -7.14 18.73 -6.54
N HIS A 432 -8.10 19.49 -7.09
CA HIS A 432 -7.85 20.89 -7.41
C HIS A 432 -7.63 21.70 -6.12
N LEU A 433 -8.38 21.37 -5.07
CA LEU A 433 -8.19 21.98 -3.75
C LEU A 433 -6.75 21.77 -3.23
N CYS A 434 -6.25 20.55 -3.39
CA CYS A 434 -4.93 20.17 -2.89
C CYS A 434 -3.80 20.89 -3.61
N ILE A 435 -3.88 20.95 -4.93
CA ILE A 435 -2.86 21.62 -5.73
C ILE A 435 -2.81 23.10 -5.34
N ALA A 436 -3.97 23.72 -5.19
CA ALA A 436 -4.07 25.13 -4.86
C ALA A 436 -3.49 25.47 -3.48
N GLY A 437 -3.73 24.61 -2.50
CA GLY A 437 -3.32 24.88 -1.13
C GLY A 437 -2.07 24.17 -0.63
N SER A 438 -1.26 23.63 -1.55
CA SER A 438 0.00 22.96 -1.21
C SER A 438 1.15 23.61 -1.96
N HIS A 439 2.33 23.68 -1.35
CA HIS A 439 3.54 24.19 -2.03
C HIS A 439 4.23 23.14 -2.89
N ALA A 440 3.75 21.91 -2.85
CA ALA A 440 4.34 20.86 -3.66
C ALA A 440 3.33 19.77 -3.94
N VAL A 441 3.35 19.28 -5.18
CA VAL A 441 2.53 18.17 -5.59
C VAL A 441 3.44 17.19 -6.29
N ASN A 442 3.36 15.92 -5.93
CA ASN A 442 4.23 14.92 -6.54
C ASN A 442 3.48 13.68 -7.00
N GLY A 443 3.98 13.10 -8.09
CA GLY A 443 3.61 11.77 -8.50
C GLY A 443 4.59 10.77 -7.92
N VAL A 444 4.30 9.50 -8.12
CA VAL A 444 4.96 8.42 -7.42
C VAL A 444 5.84 7.56 -8.33
N ALA A 445 5.96 7.97 -9.59
CA ALA A 445 6.95 7.42 -10.53
C ALA A 445 7.15 8.43 -11.65
N ARG A 446 8.34 8.41 -12.26
CA ARG A 446 8.70 9.45 -13.23
C ARG A 446 7.67 9.58 -14.35
N ILE A 447 7.26 8.45 -14.91
CA ILE A 447 6.27 8.45 -15.99
C ILE A 447 4.91 8.99 -15.52
N HIS A 448 4.55 8.67 -14.28
CA HIS A 448 3.31 9.14 -13.67
C HIS A 448 3.36 10.65 -13.43
N SER A 449 4.48 11.12 -12.91
CA SER A 449 4.68 12.56 -12.69
C SER A 449 4.69 13.37 -13.98
N GLU A 450 5.18 12.78 -15.08
CA GLU A 450 5.13 13.44 -16.39
C GLU A 450 3.70 13.49 -16.91
N ILE A 451 2.97 12.38 -16.79
CA ILE A 451 1.56 12.32 -17.19
C ILE A 451 0.70 13.37 -16.46
N LEU A 452 1.01 13.65 -15.20
CA LEU A 452 0.30 14.68 -14.44
C LEU A 452 0.54 16.07 -15.01
N LYS A 453 1.76 16.31 -15.49
CA LYS A 453 2.13 17.59 -16.08
C LYS A 453 1.61 17.75 -17.52
N LYS A 454 1.50 16.63 -18.25
CA LYS A 454 1.11 16.68 -19.66
C LYS A 454 -0.39 16.64 -19.87
N THR A 455 -1.12 15.93 -19.00
CA THR A 455 -2.56 15.76 -19.20
C THR A 455 -3.43 16.29 -18.05
N ILE A 456 -3.58 15.53 -16.97
CA ILE A 456 -4.69 15.79 -16.03
C ILE A 456 -4.56 17.06 -15.17
N PHE A 457 -3.33 17.49 -14.85
CA PHE A 457 -3.12 18.76 -14.15
C PHE A 457 -2.26 19.73 -14.99
N LYS A 458 -2.39 19.63 -16.31
CA LYS A 458 -1.65 20.47 -17.25
C LYS A 458 -1.86 21.97 -17.00
N ASP A 459 -3.12 22.38 -16.85
CA ASP A 459 -3.46 23.78 -16.58
C ASP A 459 -2.76 24.29 -15.32
N PHE A 460 -2.78 23.47 -14.27
CA PHE A 460 -2.17 23.82 -12.99
C PHE A 460 -0.64 23.87 -13.11
N TYR A 461 -0.07 22.98 -13.93
CA TYR A 461 1.37 23.00 -14.20
C TYR A 461 1.82 24.28 -14.93
N GLU A 462 1.01 24.74 -15.88
CA GLU A 462 1.30 25.97 -16.62
C GLU A 462 1.24 27.20 -15.70
N LEU A 463 0.34 27.17 -14.72
CA LEU A 463 0.23 28.28 -13.74
C LEU A 463 1.39 28.28 -12.75
N GLU A 464 1.68 27.13 -12.15
CA GLU A 464 2.67 27.04 -11.08
C GLU A 464 3.64 25.87 -11.29
N PRO A 465 4.51 25.98 -12.31
CA PRO A 465 5.40 24.87 -12.67
C PRO A 465 6.31 24.39 -11.53
N HIS A 466 6.64 25.30 -10.61
CA HIS A 466 7.54 25.00 -9.49
C HIS A 466 6.97 24.01 -8.46
N LYS A 467 5.65 23.89 -8.39
CA LYS A 467 5.00 22.98 -7.43
C LYS A 467 5.16 21.49 -7.77
N PHE A 468 5.31 21.16 -9.04
CA PHE A 468 5.21 19.77 -9.47
C PHE A 468 6.54 19.04 -9.41
N GLN A 469 6.58 17.93 -8.66
CA GLN A 469 7.79 17.13 -8.48
C GLN A 469 7.50 15.67 -8.76
N ASN A 470 8.56 14.87 -8.74
CA ASN A 470 8.45 13.41 -8.75
C ASN A 470 9.14 12.84 -7.51
N LYS A 471 8.54 11.81 -6.94
CA LYS A 471 9.16 11.04 -5.85
C LYS A 471 8.81 9.59 -6.13
N THR A 472 9.68 8.91 -6.87
CA THR A 472 9.43 7.53 -7.22
C THR A 472 9.35 6.70 -5.94
N ASN A 473 8.33 5.86 -5.87
CA ASN A 473 8.07 5.04 -4.70
C ASN A 473 9.22 4.10 -4.35
N GLY A 474 9.10 3.46 -3.20
CA GLY A 474 10.02 2.42 -2.75
C GLY A 474 9.36 1.54 -1.71
N ILE A 475 10.09 0.50 -1.31
CA ILE A 475 9.64 -0.43 -0.27
C ILE A 475 10.73 -0.50 0.79
N THR A 476 10.38 -0.94 2.01
CA THR A 476 11.39 -1.09 3.06
C THR A 476 12.11 -2.44 2.95
N PRO A 477 13.45 -2.40 2.85
CA PRO A 477 14.20 -3.65 2.77
C PRO A 477 14.24 -4.44 4.10
N ARG A 478 13.82 -3.82 5.20
CA ARG A 478 13.70 -4.54 6.47
C ARG A 478 12.60 -5.59 6.40
N ARG A 479 11.35 -5.15 6.21
CA ARG A 479 10.25 -6.11 6.03
C ARG A 479 10.44 -6.95 4.77
N TRP A 480 10.78 -6.30 3.66
CA TRP A 480 10.72 -6.94 2.34
C TRP A 480 11.98 -7.65 1.86
N LEU A 481 12.97 -7.80 2.74
CA LEU A 481 14.12 -8.65 2.46
C LEU A 481 14.56 -9.40 3.73
N VAL A 482 15.07 -8.67 4.71
CA VAL A 482 15.61 -9.29 5.93
C VAL A 482 14.55 -10.13 6.66
N LEU A 483 13.35 -9.59 6.78
CA LEU A 483 12.29 -10.24 7.54
C LEU A 483 11.69 -11.45 6.81
N CYS A 484 11.29 -11.25 5.56
CA CYS A 484 10.62 -12.30 4.80
C CYS A 484 11.57 -13.27 4.08
N ASN A 485 12.84 -12.91 4.00
CA ASN A 485 13.80 -13.69 3.22
C ASN A 485 15.18 -13.71 3.89
N PRO A 486 15.26 -14.33 5.08
CA PRO A 486 16.51 -14.39 5.84
C PRO A 486 17.60 -15.14 5.10
N GLY A 487 17.23 -16.21 4.40
CA GLY A 487 18.15 -16.95 3.56
C GLY A 487 18.90 -16.06 2.57
N LEU A 488 18.15 -15.28 1.78
CA LEU A 488 18.75 -14.42 0.77
C LEU A 488 19.56 -13.30 1.42
N ALA A 489 19.01 -12.67 2.45
CA ALA A 489 19.72 -11.63 3.17
C ALA A 489 21.09 -12.11 3.71
N GLU A 490 21.15 -13.36 4.16
CA GLU A 490 22.36 -13.92 4.77
C GLU A 490 23.47 -14.14 3.75
N ILE A 491 23.15 -14.76 2.61
CA ILE A 491 24.19 -15.04 1.60
C ILE A 491 24.72 -13.76 0.96
N ILE A 492 23.91 -12.71 0.94
CA ILE A 492 24.38 -11.40 0.50
C ILE A 492 25.34 -10.84 1.54
N ALA A 493 24.95 -10.96 2.81
CA ALA A 493 25.76 -10.45 3.91
C ALA A 493 27.16 -11.08 3.95
N GLU A 494 27.24 -12.39 3.65
CA GLU A 494 28.51 -13.11 3.58
C GLU A 494 29.51 -12.48 2.61
N ARG A 495 29.02 -11.98 1.48
CA ARG A 495 29.89 -11.38 0.46
C ARG A 495 30.22 -9.92 0.77
N ILE A 496 29.19 -9.12 1.05
CA ILE A 496 29.36 -7.66 1.13
C ILE A 496 29.14 -7.02 2.51
N GLY A 497 28.70 -7.80 3.49
CA GLY A 497 28.49 -7.29 4.85
C GLY A 497 27.05 -6.85 5.12
N GLU A 498 26.84 -6.22 6.27
CA GLU A 498 25.49 -5.90 6.78
C GLU A 498 24.97 -4.51 6.40
N GLU A 499 25.87 -3.58 6.05
CA GLU A 499 25.49 -2.18 5.84
C GLU A 499 24.41 -1.94 4.75
N TYR A 500 24.22 -2.89 3.84
CA TYR A 500 23.24 -2.73 2.76
C TYR A 500 21.79 -2.59 3.26
N ILE A 501 21.52 -3.10 4.45
CA ILE A 501 20.16 -3.12 4.99
C ILE A 501 19.58 -1.72 5.21
N SER A 502 20.43 -0.73 5.48
CA SER A 502 19.98 0.66 5.60
C SER A 502 20.66 1.57 4.56
N ASP A 503 21.20 0.96 3.51
CA ASP A 503 21.81 1.67 2.41
C ASP A 503 21.82 0.70 1.22
N LEU A 504 20.67 0.59 0.55
CA LEU A 504 20.46 -0.49 -0.39
C LEU A 504 21.24 -0.36 -1.71
N ASP A 505 21.81 0.82 -1.96
CA ASP A 505 22.68 1.02 -3.13
C ASP A 505 23.89 0.09 -3.11
N GLN A 506 24.36 -0.27 -1.92
CA GLN A 506 25.46 -1.22 -1.76
C GLN A 506 25.25 -2.55 -2.49
N LEU A 507 24.01 -2.92 -2.76
CA LEU A 507 23.71 -4.16 -3.49
C LEU A 507 24.41 -4.22 -4.87
N ARG A 508 24.68 -3.06 -5.47
CA ARG A 508 25.46 -2.98 -6.72
C ARG A 508 26.77 -3.78 -6.67
N LYS A 509 27.37 -3.87 -5.49
CA LYS A 509 28.58 -4.67 -5.30
C LYS A 509 28.39 -6.15 -5.64
N LEU A 510 27.14 -6.61 -5.71
CA LEU A 510 26.85 -7.98 -6.13
C LEU A 510 27.09 -8.22 -7.63
N LEU A 511 27.23 -7.16 -8.41
CA LEU A 511 27.54 -7.28 -9.84
C LEU A 511 28.85 -8.04 -10.07
N SER A 512 29.85 -7.79 -9.23
CA SER A 512 31.14 -8.47 -9.35
C SER A 512 31.08 -9.96 -8.95
N TYR A 513 29.89 -10.46 -8.64
CA TYR A 513 29.68 -11.88 -8.35
C TYR A 513 28.77 -12.56 -9.37
N VAL A 514 28.45 -11.87 -10.46
CA VAL A 514 27.57 -12.42 -11.49
C VAL A 514 28.19 -13.66 -12.19
N ASP A 515 29.51 -13.76 -12.18
CA ASP A 515 30.21 -14.93 -12.74
C ASP A 515 30.78 -15.88 -11.68
N ASP A 516 30.42 -15.65 -10.41
CA ASP A 516 30.86 -16.50 -9.32
C ASP A 516 30.00 -17.75 -9.25
N GLU A 517 30.63 -18.92 -9.31
CA GLU A 517 29.90 -20.19 -9.37
C GLU A 517 29.20 -20.52 -8.05
N ALA A 518 29.84 -20.21 -6.94
CA ALA A 518 29.30 -20.52 -5.61
C ALA A 518 28.10 -19.63 -5.27
N PHE A 519 28.19 -18.35 -5.63
CA PHE A 519 27.10 -17.40 -5.42
C PHE A 519 25.88 -17.76 -6.25
N ILE A 520 26.11 -18.08 -7.52
CA ILE A 520 25.05 -18.54 -8.43
C ILE A 520 24.34 -19.76 -7.84
N ARG A 521 25.11 -20.69 -7.28
CA ARG A 521 24.56 -21.88 -6.65
C ARG A 521 23.76 -21.55 -5.37
N ASP A 522 24.26 -20.61 -4.58
CA ASP A 522 23.58 -20.20 -3.34
C ASP A 522 22.31 -19.41 -3.60
N VAL A 523 22.35 -18.48 -4.56
CA VAL A 523 21.18 -17.70 -4.92
C VAL A 523 20.07 -18.65 -5.41
N ALA A 524 20.43 -19.57 -6.29
CA ALA A 524 19.48 -20.55 -6.82
C ALA A 524 18.95 -21.50 -5.75
N LYS A 525 19.75 -21.78 -4.73
CA LYS A 525 19.36 -22.69 -3.66
C LYS A 525 18.36 -22.03 -2.70
N VAL A 526 18.60 -20.77 -2.36
CA VAL A 526 17.66 -20.00 -1.53
C VAL A 526 16.28 -19.94 -2.17
N LYS A 527 16.22 -19.66 -3.47
CA LYS A 527 14.96 -19.67 -4.20
C LYS A 527 14.28 -21.03 -4.07
N GLN A 528 15.05 -22.10 -4.29
CA GLN A 528 14.52 -23.46 -4.22
C GLN A 528 14.03 -23.85 -2.81
N GLU A 529 14.72 -23.38 -1.78
CA GLU A 529 14.26 -23.57 -0.40
C GLU A 529 12.93 -22.83 -0.18
N ASN A 530 12.88 -21.57 -0.59
CA ASN A 530 11.69 -20.73 -0.43
C ASN A 530 10.47 -21.31 -1.13
N LYS A 531 10.68 -21.89 -2.32
CA LYS A 531 9.61 -22.54 -3.05
C LYS A 531 9.13 -23.82 -2.35
N LEU A 532 10.07 -24.61 -1.85
CA LEU A 532 9.74 -25.84 -1.10
C LEU A 532 8.92 -25.52 0.16
N LYS A 533 9.32 -24.47 0.87
CA LYS A 533 8.64 -24.04 2.08
C LYS A 533 7.21 -23.57 1.77
N PHE A 534 7.05 -22.85 0.65
CA PHE A 534 5.75 -22.33 0.26
C PHE A 534 4.83 -23.42 -0.31
N ALA A 535 5.40 -24.36 -1.05
CA ALA A 535 4.61 -25.49 -1.58
C ALA A 535 4.02 -26.36 -0.47
N ALA A 536 4.74 -26.42 0.66
CA ALA A 536 4.28 -27.15 1.84
C ALA A 536 3.24 -26.35 2.63
N TYR A 537 3.34 -25.01 2.58
CA TYR A 537 2.31 -24.14 3.17
C TYR A 537 0.98 -24.34 2.47
N LEU A 538 1.02 -24.51 1.13
CA LEU A 538 -0.20 -24.69 0.35
C LEU A 538 -0.95 -25.96 0.74
N GLU A 539 -0.23 -27.08 0.90
CA GLU A 539 -0.85 -28.36 1.26
C GLU A 539 -1.43 -28.37 2.67
N ARG A 540 -0.64 -27.90 3.64
CA ARG A 540 -1.06 -27.93 5.05
C ARG A 540 -2.25 -27.00 5.35
N GLU A 541 -2.20 -25.77 4.86
CA GLU A 541 -3.25 -24.78 5.13
C GLU A 541 -4.39 -24.73 4.10
N TYR A 542 -4.17 -25.25 2.89
CA TYR A 542 -5.20 -25.19 1.84
C TYR A 542 -5.42 -26.46 0.99
N LYS A 543 -4.73 -27.55 1.34
CA LYS A 543 -4.96 -28.88 0.72
C LYS A 543 -4.77 -28.93 -0.81
N VAL A 544 -3.80 -28.19 -1.32
CA VAL A 544 -3.50 -28.17 -2.76
C VAL A 544 -2.04 -28.57 -2.99
N HIS A 545 -1.82 -29.51 -3.92
CA HIS A 545 -0.45 -29.92 -4.27
C HIS A 545 0.02 -29.29 -5.57
N ILE A 546 1.30 -28.92 -5.60
CA ILE A 546 1.92 -28.31 -6.77
C ILE A 546 3.34 -28.86 -6.97
N ASN A 547 3.79 -28.83 -8.22
CA ASN A 547 5.15 -29.24 -8.56
C ASN A 547 6.15 -28.14 -8.17
N PRO A 548 7.04 -28.40 -7.20
CA PRO A 548 8.00 -27.35 -6.81
C PRO A 548 9.13 -27.12 -7.81
N ASN A 549 9.21 -27.95 -8.85
CA ASN A 549 10.17 -27.75 -9.94
C ASN A 549 9.61 -26.96 -11.11
N SER A 550 8.33 -26.60 -11.04
CA SER A 550 7.73 -25.73 -12.04
C SER A 550 8.18 -24.30 -11.84
N LEU A 551 8.03 -23.49 -12.88
CA LEU A 551 8.27 -22.04 -12.79
C LEU A 551 7.12 -21.45 -11.97
N PHE A 552 7.44 -20.72 -10.91
CA PHE A 552 6.43 -20.07 -10.07
C PHE A 552 6.07 -18.71 -10.65
N ASP A 553 4.97 -18.68 -11.39
CA ASP A 553 4.48 -17.51 -12.10
C ASP A 553 3.41 -16.87 -11.24
N VAL A 554 3.67 -15.66 -10.74
CA VAL A 554 2.84 -15.06 -9.71
C VAL A 554 2.35 -13.66 -10.07
N GLN A 555 1.03 -13.48 -9.96
CA GLN A 555 0.42 -12.14 -9.99
C GLN A 555 -0.43 -11.94 -8.73
N VAL A 556 0.06 -11.09 -7.83
CA VAL A 556 -0.70 -10.76 -6.62
C VAL A 556 -0.85 -9.24 -6.47
N LYS A 557 -2.10 -8.81 -6.29
CA LYS A 557 -2.47 -7.39 -6.21
C LYS A 557 -3.99 -7.32 -6.20
N ARG A 558 -4.55 -6.17 -5.85
CA ARG A 558 -5.99 -6.00 -5.88
C ARG A 558 -6.52 -6.26 -7.29
N ILE A 559 -7.71 -6.83 -7.38
CA ILE A 559 -8.31 -7.17 -8.67
C ILE A 559 -8.96 -5.95 -9.32
N HIS A 560 -8.33 -5.46 -10.39
N HIS A 560 -8.37 -5.46 -10.41
CA HIS A 560 -8.90 -4.39 -11.22
CA HIS A 560 -8.96 -4.38 -11.21
C HIS A 560 -8.77 -4.78 -12.68
C HIS A 560 -8.73 -4.69 -12.67
N GLU A 561 -9.69 -4.30 -13.51
CA GLU A 561 -9.57 -4.41 -14.96
C GLU A 561 -8.26 -3.83 -15.52
N TYR A 562 -7.78 -2.70 -14.97
CA TYR A 562 -6.57 -2.04 -15.47
C TYR A 562 -5.30 -2.84 -15.20
N LYS A 563 -5.31 -3.64 -14.15
CA LYS A 563 -4.17 -4.51 -13.82
C LYS A 563 -4.14 -5.76 -14.73
N ARG A 564 -5.26 -6.04 -15.40
CA ARG A 564 -5.35 -7.01 -16.49
C ARG A 564 -5.01 -8.45 -16.08
N GLN A 565 -5.59 -8.88 -14.96
CA GLN A 565 -5.59 -10.30 -14.59
C GLN A 565 -6.18 -11.16 -15.72
N LEU A 566 -7.09 -10.57 -16.50
CA LEU A 566 -7.67 -11.24 -17.65
C LEU A 566 -6.63 -11.59 -18.73
N LEU A 567 -5.69 -10.69 -18.98
CA LEU A 567 -4.61 -10.96 -19.92
C LEU A 567 -3.85 -12.21 -19.50
N ASN A 568 -3.53 -12.29 -18.21
CA ASN A 568 -2.91 -13.49 -17.63
C ASN A 568 -3.77 -14.71 -17.91
N CYS A 569 -5.08 -14.59 -17.64
CA CYS A 569 -6.02 -15.69 -17.88
C CYS A 569 -5.97 -16.16 -19.34
N LEU A 570 -5.87 -15.22 -20.27
CA LEU A 570 -5.83 -15.56 -21.68
C LEU A 570 -4.58 -16.36 -22.02
N HIS A 571 -3.44 -15.96 -21.46
CA HIS A 571 -2.20 -16.71 -21.64
C HIS A 571 -2.31 -18.11 -21.06
N VAL A 572 -2.84 -18.21 -19.85
CA VAL A 572 -3.01 -19.50 -19.18
C VAL A 572 -3.83 -20.45 -20.05
N ILE A 573 -4.92 -19.95 -20.62
CA ILE A 573 -5.79 -20.76 -21.48
C ILE A 573 -5.07 -21.14 -22.79
N THR A 574 -4.20 -20.25 -23.27
CA THR A 574 -3.40 -20.51 -24.46
C THR A 574 -2.43 -21.68 -24.21
N LEU A 575 -1.71 -21.62 -23.09
CA LEU A 575 -0.81 -22.70 -22.70
C LEU A 575 -1.52 -24.04 -22.59
N TYR A 576 -2.71 -24.03 -22.00
CA TYR A 576 -3.53 -25.22 -21.88
C TYR A 576 -3.92 -25.75 -23.26
N ASN A 577 -4.41 -24.88 -24.13
CA ASN A 577 -4.84 -25.29 -25.48
C ASN A 577 -3.70 -25.85 -26.36
N ARG A 578 -2.50 -25.29 -26.22
CA ARG A 578 -1.33 -25.79 -26.93
C ARG A 578 -0.91 -27.18 -26.46
N ILE A 579 -1.01 -27.42 -25.15
CA ILE A 579 -0.71 -28.73 -24.59
C ILE A 579 -1.73 -29.77 -25.08
N LYS A 580 -3.02 -29.42 -25.06
CA LYS A 580 -4.07 -30.32 -25.57
C LYS A 580 -3.93 -30.61 -27.06
N LYS A 581 -3.32 -29.69 -27.80
CA LYS A 581 -3.16 -29.78 -29.25
C LYS A 581 -1.98 -30.68 -29.63
N GLU A 582 -0.89 -30.56 -28.90
CA GLU A 582 0.29 -31.42 -29.08
C GLU A 582 0.75 -31.98 -27.73
N PRO A 583 -0.01 -32.95 -27.18
CA PRO A 583 0.19 -33.44 -25.80
C PRO A 583 1.59 -33.95 -25.47
N ASN A 584 2.30 -34.50 -26.45
CA ASN A 584 3.58 -35.15 -26.19
C ASN A 584 4.81 -34.29 -26.45
N LYS A 585 4.60 -33.00 -26.69
CA LYS A 585 5.71 -32.05 -26.83
C LYS A 585 6.12 -31.53 -25.45
N PHE A 586 7.41 -31.25 -25.28
CA PHE A 586 7.92 -30.72 -24.03
C PHE A 586 7.58 -29.24 -23.87
N VAL A 587 7.13 -28.87 -22.67
CA VAL A 587 6.92 -27.48 -22.28
C VAL A 587 7.44 -27.29 -20.87
N VAL A 588 7.93 -26.10 -20.57
CA VAL A 588 8.38 -25.77 -19.23
C VAL A 588 7.17 -25.82 -18.30
N PRO A 589 7.25 -26.62 -17.23
CA PRO A 589 6.12 -26.67 -16.31
C PRO A 589 5.95 -25.35 -15.57
N ARG A 590 4.71 -24.95 -15.33
CA ARG A 590 4.42 -23.72 -14.60
C ARG A 590 3.36 -23.96 -13.55
N THR A 591 3.56 -23.33 -12.40
CA THR A 591 2.48 -23.09 -11.46
C THR A 591 2.15 -21.62 -11.57
N VAL A 592 0.94 -21.33 -12.07
CA VAL A 592 0.44 -19.97 -12.20
C VAL A 592 -0.42 -19.64 -10.99
N MET A 593 -0.03 -18.62 -10.25
CA MET A 593 -0.75 -18.21 -9.05
C MET A 593 -1.26 -16.79 -9.20
N ILE A 594 -2.55 -16.61 -8.96
CA ILE A 594 -3.17 -15.29 -9.00
C ILE A 594 -3.90 -15.08 -7.69
N GLY A 595 -3.68 -13.93 -7.08
CA GLY A 595 -4.30 -13.61 -5.80
C GLY A 595 -4.65 -12.16 -5.69
N GLY A 596 -5.64 -11.86 -4.84
CA GLY A 596 -6.07 -10.49 -4.60
C GLY A 596 -7.54 -10.36 -4.28
N LYS A 597 -7.87 -9.28 -3.60
CA LYS A 597 -9.25 -8.97 -3.25
C LYS A 597 -9.93 -8.07 -4.29
N ALA A 598 -11.22 -8.30 -4.47
CA ALA A 598 -12.09 -7.44 -5.27
C ALA A 598 -12.95 -6.61 -4.33
N ALA A 599 -13.08 -5.31 -4.62
CA ALA A 599 -14.02 -4.45 -3.89
C ALA A 599 -15.43 -5.07 -3.95
N PRO A 600 -16.13 -5.14 -2.81
CA PRO A 600 -17.44 -5.77 -2.64
C PRO A 600 -18.52 -5.50 -3.70
N GLY A 601 -18.57 -4.27 -4.22
CA GLY A 601 -19.59 -3.91 -5.23
C GLY A 601 -19.12 -3.91 -6.68
N TYR A 602 -17.91 -4.43 -6.92
CA TYR A 602 -17.28 -4.40 -8.23
C TYR A 602 -17.57 -5.73 -8.92
N HIS A 603 -18.61 -5.76 -9.74
CA HIS A 603 -19.12 -7.00 -10.30
C HIS A 603 -18.11 -7.68 -11.23
N MET A 604 -17.50 -6.91 -12.12
CA MET A 604 -16.54 -7.45 -13.06
C MET A 604 -15.34 -8.10 -12.34
N ALA A 605 -14.85 -7.46 -11.29
CA ALA A 605 -13.76 -8.02 -10.49
C ALA A 605 -14.13 -9.35 -9.86
N LYS A 606 -15.39 -9.48 -9.45
CA LYS A 606 -15.88 -10.72 -8.87
C LYS A 606 -16.00 -11.82 -9.92
N MET A 607 -16.35 -11.42 -11.15
CA MET A 607 -16.43 -12.37 -12.26
C MET A 607 -15.05 -12.90 -12.63
N ILE A 608 -14.04 -12.04 -12.61
CA ILE A 608 -12.67 -12.42 -12.93
C ILE A 608 -12.12 -13.45 -11.95
N ILE A 609 -12.39 -13.27 -10.66
CA ILE A 609 -11.99 -14.26 -9.66
C ILE A 609 -12.65 -15.61 -9.96
N LYS A 610 -13.95 -15.59 -10.28
CA LYS A 610 -14.68 -16.80 -10.64
C LYS A 610 -14.11 -17.45 -11.90
N LEU A 611 -13.73 -16.64 -12.88
CA LEU A 611 -13.09 -17.13 -14.10
C LEU A 611 -11.80 -17.89 -13.76
N ILE A 612 -10.98 -17.30 -12.90
CA ILE A 612 -9.69 -17.87 -12.55
C ILE A 612 -9.84 -19.25 -11.88
N THR A 613 -10.81 -19.37 -10.98
CA THR A 613 -11.07 -20.65 -10.32
C THR A 613 -11.70 -21.66 -11.30
N ALA A 614 -12.53 -21.15 -12.21
CA ALA A 614 -13.13 -21.99 -13.26
C ALA A 614 -12.05 -22.61 -14.16
N ILE A 615 -11.07 -21.79 -14.54
CA ILE A 615 -9.93 -22.25 -15.33
C ILE A 615 -9.15 -23.32 -14.55
N GLY A 616 -8.93 -23.05 -13.27
CA GLY A 616 -8.31 -24.04 -12.36
C GLY A 616 -9.06 -25.35 -12.29
N ASP A 617 -10.40 -25.29 -12.24
CA ASP A 617 -11.23 -26.50 -12.19
C ASP A 617 -11.03 -27.38 -13.43
N VAL A 618 -10.84 -26.77 -14.59
CA VAL A 618 -10.59 -27.52 -15.84
C VAL A 618 -9.14 -27.97 -15.95
N VAL A 619 -8.20 -27.06 -15.74
CA VAL A 619 -6.79 -27.32 -16.00
C VAL A 619 -6.16 -28.25 -14.96
N ASN A 620 -6.53 -28.08 -13.69
CA ASN A 620 -5.92 -28.87 -12.61
C ASN A 620 -6.41 -30.32 -12.55
N HIS A 621 -7.50 -30.62 -13.26
CA HIS A 621 -8.07 -31.98 -13.29
C HIS A 621 -8.07 -32.62 -14.68
N ASP A 622 -7.14 -32.21 -15.54
CA ASP A 622 -6.99 -32.80 -16.87
C ASP A 622 -5.76 -33.71 -16.83
N PRO A 623 -5.95 -35.04 -16.99
CA PRO A 623 -4.82 -35.97 -16.85
C PRO A 623 -3.77 -35.86 -17.98
N VAL A 624 -4.19 -35.35 -19.13
CA VAL A 624 -3.27 -35.11 -20.24
C VAL A 624 -2.23 -34.03 -19.87
N VAL A 625 -2.64 -33.09 -19.01
CA VAL A 625 -1.77 -31.99 -18.58
C VAL A 625 -0.71 -32.46 -17.59
N GLY A 626 -1.11 -33.28 -16.63
CA GLY A 626 -0.18 -33.81 -15.63
C GLY A 626 0.17 -32.78 -14.58
N ASP A 627 1.46 -32.60 -14.31
CA ASP A 627 1.93 -31.55 -13.41
C ASP A 627 2.69 -30.47 -14.19
N ARG A 628 2.34 -30.32 -15.46
CA ARG A 628 3.00 -29.35 -16.34
C ARG A 628 2.33 -27.98 -16.30
N LEU A 629 1.06 -27.94 -15.85
CA LEU A 629 0.35 -26.69 -15.67
C LEU A 629 -0.62 -26.77 -14.51
N ARG A 630 -0.51 -25.80 -13.60
CA ARG A 630 -1.39 -25.67 -12.45
C ARG A 630 -1.82 -24.21 -12.31
N VAL A 631 -3.09 -24.00 -12.01
CA VAL A 631 -3.62 -22.64 -11.83
C VAL A 631 -4.27 -22.54 -10.48
N ILE A 632 -3.63 -21.81 -9.56
CA ILE A 632 -4.11 -21.69 -8.20
C ILE A 632 -4.50 -20.24 -7.91
N PHE A 633 -5.66 -20.05 -7.31
CA PHE A 633 -6.04 -18.74 -6.81
C PHE A 633 -5.65 -18.61 -5.34
N LEU A 634 -4.79 -17.65 -5.03
CA LEU A 634 -4.33 -17.43 -3.65
C LEU A 634 -5.37 -16.68 -2.83
N GLU A 635 -5.99 -17.40 -1.90
CA GLU A 635 -7.05 -16.85 -1.05
C GLU A 635 -6.52 -15.83 -0.03
N ASN A 636 -7.33 -14.81 0.22
CA ASN A 636 -7.07 -13.79 1.26
C ASN A 636 -5.71 -13.10 1.21
N TYR A 637 -5.32 -12.65 0.02
CA TYR A 637 -4.05 -11.95 -0.14
C TYR A 637 -3.98 -10.74 0.78
N ARG A 638 -2.89 -10.66 1.51
CA ARG A 638 -2.68 -9.63 2.52
C ARG A 638 -1.18 -9.57 2.80
N VAL A 639 -0.74 -8.64 3.65
CA VAL A 639 0.70 -8.42 3.83
C VAL A 639 1.44 -9.70 4.25
N SER A 640 0.93 -10.42 5.25
CA SER A 640 1.61 -11.61 5.74
C SER A 640 1.66 -12.76 4.73
N LEU A 641 0.72 -12.78 3.79
CA LEU A 641 0.77 -13.73 2.69
C LEU A 641 1.80 -13.29 1.64
N ALA A 642 1.86 -11.99 1.36
CA ALA A 642 2.88 -11.44 0.46
C ALA A 642 4.30 -11.77 0.94
N GLU A 643 4.49 -11.76 2.26
CA GLU A 643 5.79 -12.08 2.85
C GLU A 643 6.21 -13.52 2.59
N LYS A 644 5.25 -14.41 2.33
CA LYS A 644 5.53 -15.82 2.06
C LYS A 644 5.66 -16.12 0.56
N VAL A 645 4.71 -15.63 -0.23
CA VAL A 645 4.68 -15.95 -1.66
C VAL A 645 5.74 -15.22 -2.48
N ILE A 646 6.05 -13.98 -2.11
CA ILE A 646 7.01 -13.18 -2.89
C ILE A 646 8.42 -13.81 -2.92
N PRO A 647 8.97 -14.22 -1.76
CA PRO A 647 10.26 -14.92 -1.81
C PRO A 647 10.28 -16.19 -2.67
N ALA A 648 9.13 -16.85 -2.80
CA ALA A 648 9.03 -18.09 -3.58
C ALA A 648 8.82 -17.88 -5.08
N ALA A 649 8.63 -16.65 -5.53
CA ALA A 649 8.27 -16.41 -6.94
C ALA A 649 9.47 -16.43 -7.87
N ASP A 650 9.28 -16.94 -9.08
CA ASP A 650 10.26 -16.84 -10.16
C ASP A 650 9.93 -15.70 -11.13
N LEU A 651 8.64 -15.58 -11.48
CA LEU A 651 8.16 -14.62 -12.47
C LEU A 651 7.15 -13.66 -11.84
N SER A 652 7.44 -12.35 -11.92
CA SER A 652 6.57 -11.30 -11.42
C SER A 652 5.75 -10.72 -12.57
N GLU A 653 4.43 -10.78 -12.44
CA GLU A 653 3.53 -10.29 -13.49
C GLU A 653 3.07 -8.87 -13.18
N GLN A 654 3.56 -7.91 -13.97
CA GLN A 654 3.24 -6.49 -13.78
C GLN A 654 2.76 -5.94 -15.11
N ILE A 655 1.52 -6.28 -15.49
CA ILE A 655 1.08 -6.21 -16.89
C ILE A 655 -0.11 -5.28 -17.09
N SER A 656 -0.08 -4.15 -16.39
CA SER A 656 -1.10 -3.12 -16.52
C SER A 656 -1.00 -2.41 -17.87
N THR A 657 -2.14 -1.99 -18.42
CA THR A 657 -2.14 -1.19 -19.63
C THR A 657 -1.28 0.05 -19.39
N ALA A 658 -0.36 0.33 -20.31
CA ALA A 658 0.57 1.45 -20.14
C ALA A 658 -0.20 2.74 -19.84
N GLY A 659 0.24 3.45 -18.79
CA GLY A 659 -0.37 4.70 -18.38
C GLY A 659 -1.35 4.61 -17.22
N THR A 660 -1.68 3.40 -16.78
CA THR A 660 -2.73 3.22 -15.76
C THR A 660 -2.23 2.97 -14.34
N GLU A 661 -1.10 2.27 -14.18
CA GLU A 661 -0.55 1.98 -12.85
C GLU A 661 0.44 3.09 -12.47
N ALA A 662 0.04 3.96 -11.55
CA ALA A 662 0.83 5.16 -11.24
C ALA A 662 2.30 4.80 -10.98
N SER A 663 2.50 3.80 -10.13
CA SER A 663 3.84 3.30 -9.86
C SER A 663 3.88 1.79 -9.76
N GLY A 664 3.09 1.27 -8.82
CA GLY A 664 3.25 -0.11 -8.37
C GLY A 664 4.31 -0.16 -7.30
N THR A 665 4.19 -1.12 -6.39
CA THR A 665 5.21 -1.36 -5.37
C THR A 665 5.52 -2.84 -5.19
N GLY A 666 4.52 -3.68 -5.41
CA GLY A 666 4.75 -5.11 -5.49
C GLY A 666 5.89 -5.43 -6.45
N ASN A 667 5.87 -4.80 -7.63
CA ASN A 667 6.96 -4.95 -8.61
C ASN A 667 8.36 -4.91 -7.99
N MET A 668 8.57 -3.97 -7.06
CA MET A 668 9.84 -3.78 -6.38
C MET A 668 10.12 -4.90 -5.37
N1 LLP A 669 -1.22 -5.55 -1.40
C2 LLP A 669 -0.31 -6.04 -0.53
C2' LLP A 669 -0.76 -6.96 0.56
C3 LLP A 669 1.11 -5.66 -0.64
O3 LLP A 669 2.05 -6.15 0.22
C4 LLP A 669 1.50 -4.75 -1.75
C4' LLP A 669 2.92 -4.28 -1.99
C5 LLP A 669 0.38 -4.28 -2.62
C6 LLP A 669 -0.91 -4.71 -2.40
C5' LLP A 669 0.66 -3.35 -3.78
OP4 LLP A 669 1.02 -4.14 -4.90
P LLP A 669 0.88 -3.57 -6.39
OP1 LLP A 669 1.32 -4.69 -7.29
OP2 LLP A 669 -0.58 -3.23 -6.51
OP3 LLP A 669 1.80 -2.38 -6.42
N LLP A 669 9.07 -5.42 -4.73
CA LLP A 669 9.24 -6.50 -3.75
CB LLP A 669 7.91 -6.83 -3.04
CG LLP A 669 7.36 -5.64 -2.25
CD LLP A 669 5.93 -5.91 -1.79
CE LLP A 669 5.29 -4.63 -1.27
NZ LLP A 669 3.87 -4.79 -1.02
C LLP A 669 9.79 -7.73 -4.42
O LLP A 669 10.75 -8.33 -3.92
N PHE A 670 9.22 -8.10 -5.56
CA PHE A 670 9.67 -9.26 -6.35
C PHE A 670 11.10 -9.12 -6.85
N MET A 671 11.45 -7.92 -7.32
CA MET A 671 12.79 -7.66 -7.86
C MET A 671 13.84 -7.86 -6.79
N LEU A 672 13.54 -7.39 -5.58
CA LEU A 672 14.46 -7.47 -4.46
C LEU A 672 14.63 -8.91 -3.96
N ASN A 673 13.65 -9.76 -4.26
CA ASN A 673 13.62 -11.15 -3.77
C ASN A 673 13.89 -12.23 -4.82
N GLY A 674 14.44 -11.84 -5.97
CA GLY A 674 14.98 -12.80 -6.93
C GLY A 674 14.00 -13.40 -7.92
N ALA A 675 12.99 -12.62 -8.29
CA ALA A 675 12.11 -12.99 -9.39
C ALA A 675 12.44 -12.10 -10.58
N LEU A 676 12.24 -12.61 -11.79
CA LEU A 676 12.33 -11.80 -12.99
C LEU A 676 10.96 -11.23 -13.30
N THR A 677 10.93 -10.09 -13.97
CA THR A 677 9.68 -9.37 -14.22
C THR A 677 9.25 -9.44 -15.69
N ILE A 678 8.01 -9.87 -15.92
CA ILE A 678 7.37 -9.68 -17.21
C ILE A 678 6.35 -8.56 -17.03
N GLY A 679 6.49 -7.50 -17.82
CA GLY A 679 5.63 -6.35 -17.66
C GLY A 679 5.67 -5.34 -18.78
N THR A 680 4.74 -4.40 -18.71
CA THR A 680 4.64 -3.29 -19.65
C THR A 680 5.50 -2.12 -19.18
N MET A 681 5.73 -1.16 -20.06
CA MET A 681 6.41 0.08 -19.67
C MET A 681 5.42 1.00 -18.97
N ASP A 682 5.11 0.65 -17.73
CA ASP A 682 4.14 1.37 -16.93
C ASP A 682 4.70 1.62 -15.54
N GLY A 683 4.37 2.76 -14.94
CA GLY A 683 4.77 3.05 -13.58
C GLY A 683 6.26 2.88 -13.33
N ALA A 684 6.62 2.30 -12.19
CA ALA A 684 8.02 2.15 -11.84
C ALA A 684 8.74 1.08 -12.66
N ASN A 685 8.01 0.25 -13.41
CA ASN A 685 8.62 -0.72 -14.33
C ASN A 685 9.68 -0.06 -15.22
N VAL A 686 9.37 1.13 -15.70
CA VAL A 686 10.24 1.87 -16.61
C VAL A 686 11.59 2.13 -15.94
N GLU A 687 11.53 2.56 -14.69
CA GLU A 687 12.74 2.84 -13.94
C GLU A 687 13.44 1.55 -13.50
N MET A 688 12.68 0.47 -13.31
CA MET A 688 13.26 -0.82 -12.93
C MET A 688 14.08 -1.41 -14.08
N ALA A 689 13.52 -1.39 -15.29
CA ALA A 689 14.23 -1.85 -16.48
C ALA A 689 15.44 -0.98 -16.77
N GLU A 690 15.30 0.32 -16.56
CA GLU A 690 16.40 1.25 -16.75
C GLU A 690 17.57 0.92 -15.83
N GLU A 691 17.27 0.66 -14.55
CA GLU A 691 18.30 0.35 -13.55
C GLU A 691 19.00 -0.99 -13.79
N ALA A 692 18.25 -1.99 -14.22
CA ALA A 692 18.81 -3.33 -14.45
C ALA A 692 19.31 -3.51 -15.88
N GLY A 693 18.86 -2.66 -16.80
CA GLY A 693 19.10 -2.84 -18.23
C GLY A 693 17.95 -3.62 -18.85
N GLU A 694 17.50 -3.18 -20.01
CA GLU A 694 16.30 -3.74 -20.64
C GLU A 694 16.46 -5.21 -21.04
N GLU A 695 17.69 -5.65 -21.29
CA GLU A 695 17.96 -7.06 -21.63
C GLU A 695 17.73 -8.01 -20.46
N ASN A 696 17.78 -7.48 -19.24
CA ASN A 696 17.55 -8.27 -18.03
C ASN A 696 16.11 -8.14 -17.53
N PHE A 697 15.21 -7.82 -18.44
CA PHE A 697 13.84 -7.49 -18.11
C PHE A 697 12.98 -7.94 -19.28
N PHE A 698 11.84 -8.58 -18.99
CA PHE A 698 10.93 -9.04 -20.04
C PHE A 698 9.85 -8.00 -20.33
N ILE A 699 10.22 -6.98 -21.10
CA ILE A 699 9.31 -5.94 -21.54
C ILE A 699 8.45 -6.41 -22.71
N PHE A 700 7.22 -5.94 -22.75
CA PHE A 700 6.34 -6.20 -23.89
C PHE A 700 5.24 -5.14 -23.99
N GLY A 701 4.59 -5.11 -25.15
CA GLY A 701 3.34 -4.39 -25.33
C GLY A 701 3.47 -2.93 -25.70
N MET A 702 2.31 -2.28 -25.79
CA MET A 702 2.22 -0.87 -26.15
C MET A 702 2.89 0.01 -25.11
N ARG A 703 3.54 1.08 -25.57
CA ARG A 703 3.96 2.16 -24.69
C ARG A 703 2.80 3.14 -24.57
N VAL A 704 2.95 4.15 -23.71
CA VAL A 704 1.93 5.19 -23.52
C VAL A 704 1.49 5.83 -24.85
N GLU A 705 2.46 6.14 -25.71
CA GLU A 705 2.20 6.78 -27.00
C GLU A 705 1.38 5.90 -27.94
N ASP A 706 1.60 4.59 -27.89
CA ASP A 706 0.86 3.63 -28.71
C ASP A 706 -0.60 3.56 -28.28
N VAL A 707 -0.84 3.61 -26.98
CA VAL A 707 -2.20 3.58 -26.43
C VAL A 707 -2.96 4.82 -26.89
N ASP A 708 -2.30 5.97 -26.87
CA ASP A 708 -2.91 7.21 -27.35
C ASP A 708 -3.22 7.17 -28.85
N ARG A 709 -2.32 6.61 -29.65
CA ARG A 709 -2.58 6.44 -31.09
C ARG A 709 -3.80 5.57 -31.34
N LEU A 710 -3.98 4.55 -30.53
CA LEU A 710 -5.11 3.61 -30.68
C LEU A 710 -6.44 4.29 -30.36
N ASP A 711 -6.46 5.13 -29.33
CA ASP A 711 -7.66 5.88 -28.92
C ASP A 711 -8.19 6.80 -30.02
N GLN A 712 -7.28 7.48 -30.72
CA GLN A 712 -7.66 8.38 -31.81
C GLN A 712 -8.34 7.64 -32.93
N ARG A 713 -7.69 6.58 -33.43
CA ARG A 713 -8.28 5.70 -34.44
C ARG A 713 -9.56 5.05 -33.95
N GLY A 714 -9.56 4.68 -32.67
CA GLY A 714 -10.68 3.95 -32.08
C GLY A 714 -10.30 2.49 -31.91
N TYR A 715 -10.45 1.99 -30.69
CA TYR A 715 -10.10 0.62 -30.38
C TYR A 715 -11.22 -0.32 -30.82
N ASN A 716 -10.94 -1.14 -31.83
CA ASN A 716 -11.85 -2.18 -32.28
C ASN A 716 -11.28 -3.56 -31.94
N ALA A 717 -11.88 -4.19 -30.93
CA ALA A 717 -11.41 -5.49 -30.44
C ALA A 717 -11.63 -6.60 -31.46
N GLN A 718 -12.74 -6.54 -32.19
CA GLN A 718 -13.10 -7.52 -33.23
C GLN A 718 -11.94 -7.74 -34.21
N GLU A 719 -11.23 -6.67 -34.53
CA GLU A 719 -10.06 -6.74 -35.39
C GLU A 719 -9.06 -7.80 -34.92
N TYR A 720 -8.80 -7.85 -33.61
CA TYR A 720 -7.83 -8.80 -33.06
C TYR A 720 -8.37 -10.22 -33.03
N TYR A 721 -9.67 -10.33 -32.74
CA TYR A 721 -10.41 -11.59 -32.82
C TYR A 721 -10.38 -12.17 -34.25
N ASP A 722 -10.44 -11.29 -35.25
CA ASP A 722 -10.43 -11.71 -36.65
C ASP A 722 -9.07 -12.20 -37.16
N ARG A 723 -7.97 -11.64 -36.64
CA ARG A 723 -6.62 -11.93 -37.17
C ARG A 723 -5.85 -12.99 -36.38
N ILE A 724 -6.33 -13.34 -35.18
CA ILE A 724 -5.56 -14.21 -34.28
C ILE A 724 -6.39 -15.45 -33.93
N PRO A 725 -6.09 -16.59 -34.58
CA PRO A 725 -6.92 -17.79 -34.39
C PRO A 725 -6.91 -18.34 -32.97
N GLU A 726 -5.76 -18.30 -32.31
CA GLU A 726 -5.64 -18.77 -30.93
C GLU A 726 -6.54 -17.96 -29.99
N LEU A 727 -6.72 -16.68 -30.27
CA LEU A 727 -7.59 -15.81 -29.49
C LEU A 727 -9.08 -16.10 -29.74
N ARG A 728 -9.43 -16.29 -31.01
CA ARG A 728 -10.81 -16.64 -31.40
C ARG A 728 -11.28 -17.91 -30.68
N GLN A 729 -10.41 -18.91 -30.65
CA GLN A 729 -10.71 -20.17 -29.97
C GLN A 729 -11.00 -19.98 -28.48
N ILE A 730 -10.24 -19.09 -27.83
CA ILE A 730 -10.42 -18.82 -26.40
C ILE A 730 -11.75 -18.14 -26.10
N ILE A 731 -12.12 -17.17 -26.93
CA ILE A 731 -13.40 -16.48 -26.80
C ILE A 731 -14.58 -17.42 -27.03
N GLU A 732 -14.45 -18.30 -28.02
CA GLU A 732 -15.49 -19.28 -28.31
C GLU A 732 -15.64 -20.30 -27.18
N GLN A 733 -14.53 -20.66 -26.53
CA GLN A 733 -14.58 -21.54 -25.37
C GLN A 733 -15.30 -20.87 -24.21
N LEU A 734 -15.01 -19.59 -23.99
CA LEU A 734 -15.68 -18.80 -22.94
C LEU A 734 -17.17 -18.64 -23.20
N SER A 735 -17.52 -18.28 -24.43
CA SER A 735 -18.92 -18.04 -24.81
C SER A 735 -19.78 -19.30 -24.68
N SER A 736 -19.23 -20.44 -25.09
CA SER A 736 -20.03 -21.68 -25.25
C SER A 736 -20.08 -22.56 -23.99
N GLY A 737 -19.33 -22.20 -22.95
CA GLY A 737 -19.44 -22.89 -21.66
C GLY A 737 -18.37 -23.94 -21.39
N PHE A 738 -17.26 -23.88 -22.12
CA PHE A 738 -16.15 -24.81 -21.89
C PHE A 738 -15.66 -24.78 -20.43
N PHE A 739 -15.68 -23.60 -19.82
CA PHE A 739 -15.24 -23.43 -18.44
C PHE A 739 -16.37 -23.35 -17.41
N SER A 740 -17.61 -23.52 -17.86
CA SER A 740 -18.78 -23.50 -16.98
C SER A 740 -19.89 -24.41 -17.54
N PRO A 741 -19.67 -25.74 -17.53
CA PRO A 741 -20.58 -26.67 -18.21
C PRO A 741 -22.04 -26.59 -17.74
N LYS A 742 -22.25 -26.40 -16.45
CA LYS A 742 -23.60 -26.31 -15.87
C LYS A 742 -24.30 -24.99 -16.19
N GLN A 743 -23.51 -23.91 -16.31
CA GLN A 743 -24.03 -22.58 -16.66
C GLN A 743 -23.32 -22.09 -17.91
N PRO A 744 -23.82 -22.49 -19.10
CA PRO A 744 -23.10 -22.18 -20.35
C PRO A 744 -22.82 -20.69 -20.62
N ASP A 745 -23.67 -19.79 -20.12
CA ASP A 745 -23.51 -18.37 -20.38
C ASP A 745 -22.95 -17.57 -19.18
N LEU A 746 -22.33 -18.26 -18.24
CA LEU A 746 -21.81 -17.63 -17.02
C LEU A 746 -20.87 -16.44 -17.30
N PHE A 747 -20.05 -16.55 -18.32
CA PHE A 747 -19.02 -15.55 -18.59
C PHE A 747 -19.36 -14.65 -19.77
N LYS A 748 -20.65 -14.38 -19.98
CA LYS A 748 -21.08 -13.55 -21.11
C LYS A 748 -20.70 -12.09 -20.94
N ASP A 749 -20.73 -11.59 -19.71
CA ASP A 749 -20.35 -10.20 -19.42
C ASP A 749 -18.88 -9.96 -19.73
N ILE A 750 -18.05 -10.95 -19.42
CA ILE A 750 -16.61 -10.87 -19.67
C ILE A 750 -16.32 -10.81 -21.16
N VAL A 751 -16.88 -11.75 -21.92
CA VAL A 751 -16.69 -11.76 -23.38
C VAL A 751 -17.23 -10.47 -23.98
N ASN A 752 -18.39 -10.04 -23.51
CA ASN A 752 -19.03 -8.84 -24.03
C ASN A 752 -18.20 -7.59 -23.77
N MET A 753 -17.60 -7.50 -22.58
CA MET A 753 -16.75 -6.37 -22.23
C MET A 753 -15.47 -6.38 -23.06
N LEU A 754 -14.86 -7.56 -23.19
CA LEU A 754 -13.63 -7.72 -23.98
C LEU A 754 -13.80 -7.35 -25.46
N MET A 755 -14.99 -7.58 -26.01
CA MET A 755 -15.28 -7.34 -27.43
C MET A 755 -15.80 -5.94 -27.76
N HIS A 756 -16.53 -5.31 -26.82
CA HIS A 756 -17.19 -4.02 -27.11
C HIS A 756 -16.88 -2.87 -26.14
N HIS A 757 -16.51 -3.17 -24.90
CA HIS A 757 -16.39 -2.13 -23.86
C HIS A 757 -15.11 -2.24 -23.03
N ASP A 758 -13.98 -2.53 -23.68
CA ASP A 758 -12.70 -2.69 -23.00
C ASP A 758 -11.92 -1.38 -22.99
N ARG A 759 -11.92 -0.70 -21.85
CA ARG A 759 -11.15 0.53 -21.68
C ARG A 759 -9.65 0.26 -21.69
N PHE A 760 -9.26 -0.98 -21.39
CA PHE A 760 -7.87 -1.30 -21.11
C PHE A 760 -7.16 -2.20 -22.13
N LYS A 761 -7.84 -2.47 -23.25
CA LYS A 761 -7.20 -2.98 -24.47
C LYS A 761 -6.43 -4.29 -24.27
N VAL A 762 -7.09 -5.27 -23.66
CA VAL A 762 -6.47 -6.56 -23.36
C VAL A 762 -5.99 -7.28 -24.63
N PHE A 763 -6.84 -7.30 -25.66
CA PHE A 763 -6.48 -7.98 -26.91
C PHE A 763 -5.28 -7.34 -27.61
N ALA A 764 -5.18 -6.02 -27.54
CA ALA A 764 -4.09 -5.28 -28.22
C ALA A 764 -2.67 -5.68 -27.78
N ASP A 765 -2.53 -6.20 -26.56
CA ASP A 765 -1.23 -6.65 -26.06
C ASP A 765 -1.06 -8.18 -26.08
N TYR A 766 -2.12 -8.90 -26.41
CA TYR A 766 -2.12 -10.38 -26.33
C TYR A 766 -0.92 -11.02 -27.08
N GLU A 767 -0.75 -10.68 -28.36
CA GLU A 767 0.32 -11.28 -29.17
C GLU A 767 1.72 -11.06 -28.61
N GLU A 768 2.08 -9.80 -28.34
CA GLU A 768 3.38 -9.50 -27.74
C GLU A 768 3.56 -10.19 -26.38
N TYR A 769 2.48 -10.29 -25.60
CA TYR A 769 2.51 -10.94 -24.29
C TYR A 769 2.83 -12.42 -24.39
N VAL A 770 2.08 -13.12 -25.23
CA VAL A 770 2.28 -14.55 -25.44
C VAL A 770 3.68 -14.86 -25.99
N LYS A 771 4.15 -14.05 -26.91
CA LYS A 771 5.51 -14.23 -27.47
C LYS A 771 6.59 -13.94 -26.43
N CYS A 772 6.39 -12.91 -25.61
CA CYS A 772 7.31 -12.58 -24.53
C CYS A 772 7.36 -13.70 -23.46
N GLN A 773 6.21 -14.33 -23.22
CA GLN A 773 6.11 -15.44 -22.27
C GLN A 773 6.87 -16.69 -22.71
N GLU A 774 6.93 -16.91 -24.03
CA GLU A 774 7.73 -18.01 -24.60
C GLU A 774 9.22 -17.80 -24.32
N ARG A 775 9.67 -16.56 -24.41
CA ARG A 775 11.08 -16.23 -24.17
C ARG A 775 11.47 -16.39 -22.70
N VAL A 776 10.50 -16.22 -21.80
CA VAL A 776 10.70 -16.48 -20.37
C VAL A 776 10.96 -17.95 -20.16
N SER A 777 10.08 -18.79 -20.71
CA SER A 777 10.22 -20.25 -20.64
C SER A 777 11.56 -20.73 -21.19
N ALA A 778 12.00 -20.13 -22.29
CA ALA A 778 13.29 -20.46 -22.90
C ALA A 778 14.45 -20.17 -21.94
N LEU A 779 14.42 -19.04 -21.25
CA LEU A 779 15.48 -18.70 -20.31
C LEU A 779 15.47 -19.64 -19.10
N TYR A 780 14.28 -20.05 -18.66
CA TYR A 780 14.14 -20.91 -17.49
C TYR A 780 14.67 -22.32 -17.73
N LYS A 781 14.77 -22.72 -19.01
CA LYS A 781 15.38 -24.00 -19.40
C LYS A 781 16.89 -24.04 -19.19
N ASN A 782 17.52 -22.87 -19.03
CA ASN A 782 18.94 -22.73 -18.73
C ASN A 782 19.14 -22.05 -17.36
N PRO A 783 19.03 -22.84 -16.27
CA PRO A 783 19.07 -22.36 -14.88
C PRO A 783 20.19 -21.39 -14.55
N ARG A 784 21.38 -21.67 -15.06
CA ARG A 784 22.55 -20.82 -14.79
C ARG A 784 22.30 -19.40 -15.27
N GLU A 785 21.82 -19.28 -16.51
CA GLU A 785 21.57 -17.97 -17.11
C GLU A 785 20.34 -17.27 -16.53
N TRP A 786 19.36 -18.05 -16.07
CA TRP A 786 18.25 -17.48 -15.31
C TRP A 786 18.79 -16.79 -14.05
N THR A 787 19.55 -17.54 -13.25
CA THR A 787 20.07 -17.03 -11.97
C THR A 787 21.03 -15.83 -12.13
N ARG A 788 21.77 -15.80 -13.23
CA ARG A 788 22.68 -14.67 -13.49
C ARG A 788 21.88 -13.41 -13.80
N MET A 789 20.79 -13.57 -14.55
CA MET A 789 19.86 -12.45 -14.79
C MET A 789 19.21 -12.01 -13.48
N VAL A 790 18.86 -12.96 -12.62
CA VAL A 790 18.30 -12.66 -11.29
C VAL A 790 19.27 -11.80 -10.47
N ILE A 791 20.55 -12.16 -10.47
CA ILE A 791 21.56 -11.40 -9.71
C ILE A 791 21.64 -9.97 -10.21
N ARG A 792 21.56 -9.78 -11.53
CA ARG A 792 21.58 -8.45 -12.10
C ARG A 792 20.36 -7.61 -11.70
N ASN A 793 19.22 -8.25 -11.44
CA ASN A 793 18.05 -7.53 -10.93
C ASN A 793 18.25 -7.15 -9.46
N ILE A 794 18.56 -8.15 -8.63
CA ILE A 794 18.77 -7.91 -7.19
C ILE A 794 19.83 -6.85 -6.97
N ALA A 795 20.89 -6.89 -7.77
CA ALA A 795 22.00 -5.97 -7.65
C ALA A 795 21.66 -4.52 -8.02
N THR A 796 20.61 -4.33 -8.80
CA THR A 796 20.19 -2.99 -9.22
C THR A 796 18.87 -2.53 -8.59
N SER A 797 18.40 -3.23 -7.55
CA SER A 797 17.13 -2.89 -6.89
C SER A 797 17.28 -1.81 -5.80
N GLY A 798 18.51 -1.33 -5.59
CA GLY A 798 18.80 -0.37 -4.53
C GLY A 798 18.01 0.92 -4.56
N LYS A 799 17.79 1.45 -5.76
CA LYS A 799 17.03 2.70 -5.93
C LYS A 799 15.62 2.62 -5.33
N PHE A 800 15.08 1.42 -5.25
CA PHE A 800 13.69 1.22 -4.85
C PHE A 800 13.52 0.95 -3.36
N SER A 801 14.47 1.42 -2.57
CA SER A 801 14.35 1.42 -1.12
C SER A 801 13.57 2.67 -0.73
N SER A 802 12.64 2.51 0.21
CA SER A 802 11.88 3.66 0.74
C SER A 802 12.79 4.65 1.48
N ASP A 803 13.99 4.22 1.86
CA ASP A 803 14.96 5.15 2.49
C ASP A 803 15.39 6.24 1.50
N ARG A 804 15.69 5.85 0.27
CA ARG A 804 15.96 6.82 -0.80
C ARG A 804 14.75 7.73 -1.03
N THR A 805 13.56 7.13 -1.11
CA THR A 805 12.33 7.90 -1.32
C THR A 805 12.16 8.98 -0.24
N ILE A 806 12.21 8.57 1.01
CA ILE A 806 12.01 9.48 2.14
C ILE A 806 13.08 10.58 2.20
N ALA A 807 14.33 10.21 1.94
CA ALA A 807 15.42 11.19 1.85
C ALA A 807 15.14 12.29 0.82
N GLN A 808 14.49 11.94 -0.29
CA GLN A 808 14.10 12.93 -1.28
C GLN A 808 12.91 13.80 -0.84
N TYR A 809 11.90 13.18 -0.21
CA TYR A 809 10.81 13.93 0.40
C TYR A 809 11.38 14.92 1.43
N ALA A 810 12.25 14.42 2.30
CA ALA A 810 12.86 15.23 3.36
C ALA A 810 13.57 16.47 2.81
N ARG A 811 14.48 16.25 1.87
CA ARG A 811 15.32 17.33 1.34
C ARG A 811 14.56 18.29 0.42
N GLU A 812 13.70 17.74 -0.44
CA GLU A 812 13.10 18.54 -1.53
C GLU A 812 11.68 19.02 -1.25
N ILE A 813 11.02 18.48 -0.23
CA ILE A 813 9.67 18.93 0.14
C ILE A 813 9.57 19.44 1.58
N TRP A 814 10.08 18.69 2.55
CA TRP A 814 9.88 19.06 3.96
C TRP A 814 10.95 19.99 4.53
N GLY A 815 12.13 20.01 3.92
CA GLY A 815 13.20 20.90 4.35
C GLY A 815 13.83 20.46 5.67
N VAL A 816 14.04 19.16 5.80
CA VAL A 816 14.74 18.58 6.95
C VAL A 816 15.82 17.65 6.42
N GLU A 817 16.93 17.55 7.14
CA GLU A 817 18.01 16.67 6.74
C GLU A 817 17.87 15.32 7.46
N PRO A 818 17.93 14.21 6.70
CA PRO A 818 17.94 12.87 7.31
C PRO A 818 19.15 12.66 8.24
N SER A 819 19.14 11.55 8.98
CA SER A 819 20.24 11.22 9.89
C SER A 819 20.24 9.73 10.25
N ARG A 820 21.36 9.06 10.01
CA ARG A 820 21.51 7.63 10.31
C ARG A 820 22.06 7.38 11.72
N GLN A 821 22.41 8.44 12.45
CA GLN A 821 23.10 8.31 13.74
C GLN A 821 22.20 7.74 14.85
N ARG A 822 22.81 6.91 15.70
CA ARG A 822 22.11 6.24 16.79
C ARG A 822 21.76 7.21 17.92
N LEU A 823 20.62 6.99 18.57
CA LEU A 823 20.34 7.58 19.87
C LEU A 823 20.90 6.65 20.95
N PRO A 824 21.23 7.20 22.13
CA PRO A 824 21.79 6.37 23.21
C PRO A 824 20.86 5.24 23.69
N ALA A 825 21.44 4.06 23.91
CA ALA A 825 20.70 2.89 24.40
C ALA A 825 20.95 2.72 25.91
C14 26Y B . -12.34 5.40 -3.76
C13 26Y B . -11.24 6.40 -3.37
C15 26Y B . -11.61 7.12 -2.08
C10 26Y B . -10.02 5.71 -3.28
C9 26Y B . -9.23 5.70 -4.43
C8 26Y B . -8.02 5.02 -4.43
C11 26Y B . -9.60 5.03 -2.14
C12 26Y B . -8.37 4.35 -2.16
C7 26Y B . -7.56 4.35 -3.30
C6 26Y B . -6.35 3.67 -3.32
C4 26Y B . -5.25 4.00 -4.35
C2 26Y B . -3.93 3.22 -4.39
O3 26Y B . -3.69 2.28 -3.62
N1 26Y B . -3.08 3.64 -5.33
C1' 26Y B . -1.76 3.04 -5.53
O5' 26Y B . -0.76 3.79 -4.78
C5' 26Y B . 0.51 3.11 -4.84
C6' 26Y B . 1.52 3.88 -4.00
O6' 26Y B . 1.59 5.21 -4.55
C4' 26Y B . 0.99 2.95 -6.32
O4' 26Y B . 2.14 2.10 -6.36
C3' 26Y B . -0.09 2.30 -7.19
O3' 26Y B . 0.33 2.30 -8.57
C2' 26Y B . -1.41 3.06 -7.01
O2' 26Y B . -2.47 2.44 -7.76
#